data_6S7P
#
_entry.id   6S7P
#
loop_
_entity.id
_entity.type
_entity.pdbx_description
1 polymer 'Phosphatidylcholine translocator ABCB4'
2 non-polymer "ADENOSINE-5'-TRIPHOSPHATE"
3 non-polymer 'MAGNESIUM ION'
4 non-polymer CHOLESTEROL
#
_entity_poly.entity_id   1
_entity_poly.type   'polypeptide(L)'
_entity_poly.pdbx_seq_one_letter_code
;MDLEAAKNGTAWRPTSAEGDFELGISSKQKRKKTKTVKMIGVLTLFRYSDWQDKLFMSLGTIMAIAHGSGLPLMMIVFGE
MTDKFVDTAGNFSFPVNFSLSLLNPGKILEEEMTRYAYYYSGLGAGVLVAAYIQVSFWTLAAGRQIRKIRQKFFHAILRQ
EIGWFDINDTTELNTRLTDDISKISEGIGDKVGMFFQAVATFFAGFIVGFIRGWKLTLVIMAISPILGLSAAVWAKILSA
FSDKELAAYAKAGAVAEEALGAIRTVIAFGGQNKELERYQKHLENAKEIGIKKAISANISMGIAFLLIYASYALAFWYGS
TLVISKEYTIGNAMTVFFSILIGAFSVGQAAPCIDAFANARGAAYVIFDIIDNNPKIDSFSERGHKPDSIKGNLEFNDVH
FSYPSRANVKILKGLNLKVQSGQTVALVGSSGCGKSTTVQLIQRLYDPDEGTINIDGQDIRNFNVNYLREIIGVVSQEPV
LFSTTIAENICYGRGNVTMDEIKKAVKEANAYEFIMKLPQKFDTLVGERGAQLSGGQKQRIAIARALVRNPKILLLDQAT
SALDTESEAEVQAALDKAREGRTTIVIAHRLSTVRNADVIAGFEDGVIVEQGSHSELMKKEGVYFKLVNMQTSGSQIQSE
EFELNDEKAATRMAPNGWKSRLFRHSTQKNLKNSQMCQKSLDVETDGLEANVPPVSFLKVLKLNKTEWPYFVVGTVCAIA
NGGLQPAFSVIFSEIIAIFGPGDDAVKQQKCNIFSLIFLFLGIISFFTFFLQGFTFGKAGEILTRRLRSMAFKAMLRQDM
SWFDDHKNSTGALSTRLATDAAQVQGATGTRLALIAQNIANLGTGIIISFIYGWQLTLLLLAVVPIIAVSGIVEMKLLAG
NAKRDKKELEAAGKIATEAIENIRTVVSLTQERKFESMYVEKLYGPYRNSVQKAHIYGITFSISQAFMYFSYAGCFRFGA
YLIVNGHMRFRDVILVFSAIVFGAVALGHASSFAPDYAKAKLSAAHLFMLFERQPLIDSYSEEGLKPDKFEGNITFNEVV
FNYPTRANVPVLQGLSLEVKKGQTLALVGSSGCGKSTVVQLLERFYDPLAGTVLLDGQEAKKLNVQWLRAQLGIVSQEPI
LFDCSIAENIAYGDNSRVVSQDEIVSAAKAANIHPFIETLPHKYETRVGDKGTQLSGGQKQRIAIARALIRQPQILLLDQ
ATSALDTESEKVVQEALDKAREGRTCIVIAHRLSTIQNADLIVVFQNGRVKEHGTHQQLLAQKGIYFSMVSVQAGTQNL
;
_entity_poly.pdbx_strand_id   A
#
# COMPACT_ATOMS: atom_id res chain seq x y z
N VAL A 42 16.85 -17.84 -3.99
CA VAL A 42 15.91 -18.56 -4.83
C VAL A 42 14.94 -19.31 -3.91
N LEU A 43 15.47 -19.82 -2.80
CA LEU A 43 14.65 -20.47 -1.79
C LEU A 43 14.39 -19.58 -0.58
N THR A 44 14.85 -18.33 -0.63
CA THR A 44 14.53 -17.38 0.43
C THR A 44 13.05 -17.02 0.45
N LEU A 45 12.35 -17.15 -0.68
CA LEU A 45 10.90 -17.04 -0.68
C LEU A 45 10.27 -18.11 0.18
N PHE A 46 10.85 -19.31 0.18
CA PHE A 46 10.34 -20.45 0.92
C PHE A 46 11.06 -20.62 2.25
N ARG A 47 11.79 -19.59 2.67
CA ARG A 47 12.45 -19.59 3.98
C ARG A 47 11.46 -19.74 5.14
N TYR A 48 10.25 -19.23 5.01
CA TYR A 48 9.28 -19.31 6.10
C TYR A 48 8.37 -20.52 6.00
N SER A 49 8.70 -21.50 5.17
CA SER A 49 7.84 -22.65 4.96
C SER A 49 7.86 -23.58 6.17
N ASP A 50 6.68 -23.92 6.66
CA ASP A 50 6.50 -24.82 7.79
C ASP A 50 6.64 -26.26 7.30
N TRP A 51 6.45 -27.23 8.20
CA TRP A 51 6.48 -28.63 7.75
C TRP A 51 5.24 -28.97 6.95
N GLN A 52 4.08 -28.41 7.32
CA GLN A 52 2.90 -28.58 6.50
C GLN A 52 3.02 -27.89 5.16
N ASP A 53 3.70 -26.75 5.13
CA ASP A 53 3.91 -26.06 3.86
C ASP A 53 4.85 -26.85 2.96
N LYS A 54 5.90 -27.44 3.52
CA LYS A 54 6.80 -28.28 2.75
C LYS A 54 6.10 -29.54 2.26
N LEU A 55 5.18 -30.08 3.07
CA LEU A 55 4.41 -31.25 2.67
C LEU A 55 3.46 -30.94 1.52
N PHE A 56 2.76 -29.80 1.59
CA PHE A 56 1.89 -29.36 0.50
C PHE A 56 2.66 -29.09 -0.78
N MET A 57 3.81 -28.43 -0.68
CA MET A 57 4.58 -28.14 -1.88
C MET A 57 5.21 -29.39 -2.47
N SER A 58 5.62 -30.35 -1.65
CA SER A 58 6.20 -31.59 -2.16
C SER A 58 5.15 -32.47 -2.83
N LEU A 59 3.96 -32.58 -2.23
CA LEU A 59 2.91 -33.38 -2.85
C LEU A 59 2.36 -32.71 -4.10
N GLY A 60 2.23 -31.38 -4.10
CA GLY A 60 1.86 -30.68 -5.31
C GLY A 60 2.90 -30.83 -6.41
N THR A 61 4.18 -30.90 -6.04
CA THR A 61 5.22 -31.09 -7.03
C THR A 61 5.15 -32.48 -7.65
N ILE A 62 4.95 -33.52 -6.83
CA ILE A 62 4.94 -34.86 -7.42
C ILE A 62 3.64 -35.13 -8.15
N MET A 63 2.53 -34.50 -7.76
CA MET A 63 1.31 -34.65 -8.54
C MET A 63 1.33 -33.83 -9.81
N ALA A 64 2.09 -32.74 -9.87
CA ALA A 64 2.24 -32.01 -11.11
C ALA A 64 3.22 -32.70 -12.06
N ILE A 65 4.21 -33.40 -11.51
CA ILE A 65 5.07 -34.24 -12.34
C ILE A 65 4.31 -35.45 -12.87
N ALA A 66 3.43 -36.03 -12.04
CA ALA A 66 2.56 -37.09 -12.52
C ALA A 66 1.53 -36.57 -13.50
N HIS A 67 1.09 -35.33 -13.38
CA HIS A 67 0.01 -34.82 -14.22
C HIS A 67 0.50 -34.51 -15.64
N GLY A 68 1.70 -33.95 -15.76
CA GLY A 68 2.12 -33.46 -17.07
C GLY A 68 2.71 -34.53 -17.96
N SER A 69 3.23 -35.60 -17.37
CA SER A 69 4.02 -36.58 -18.10
C SER A 69 3.18 -37.55 -18.92
N GLY A 70 1.89 -37.56 -18.68
CA GLY A 70 0.94 -38.42 -19.37
C GLY A 70 0.70 -38.24 -20.86
N LEU A 71 0.62 -37.00 -21.33
CA LEU A 71 0.33 -36.76 -22.75
C LEU A 71 1.36 -37.30 -23.74
N PRO A 72 2.65 -37.08 -23.49
CA PRO A 72 3.68 -37.62 -24.38
C PRO A 72 3.92 -39.11 -24.21
N LEU A 73 3.77 -39.64 -22.99
CA LEU A 73 4.02 -41.05 -22.75
C LEU A 73 2.99 -41.96 -23.39
N MET A 74 1.76 -41.47 -23.60
CA MET A 74 0.75 -42.31 -24.24
C MET A 74 1.06 -42.59 -25.73
N MET A 75 1.92 -41.77 -26.34
CA MET A 75 2.21 -41.88 -27.75
C MET A 75 2.94 -43.17 -28.12
N ILE A 76 3.52 -43.88 -27.15
CA ILE A 76 4.21 -45.12 -27.48
C ILE A 76 3.21 -46.23 -27.78
N VAL A 77 2.05 -46.22 -27.12
CA VAL A 77 1.05 -47.21 -27.47
C VAL A 77 0.19 -46.71 -28.62
N PHE A 78 0.07 -45.39 -28.79
CA PHE A 78 -0.67 -44.91 -29.95
C PHE A 78 0.10 -45.06 -31.25
N GLY A 79 1.42 -44.93 -31.22
CA GLY A 79 2.21 -44.92 -32.45
C GLY A 79 2.41 -46.26 -33.12
N GLU A 80 1.85 -47.34 -32.57
CA GLU A 80 2.02 -48.66 -33.15
C GLU A 80 0.96 -49.01 -34.19
N MET A 81 -0.20 -48.35 -34.17
CA MET A 81 -1.21 -48.55 -35.22
C MET A 81 -1.24 -47.43 -36.24
N THR A 82 -0.42 -46.39 -36.06
CA THR A 82 -0.42 -45.25 -36.98
C THR A 82 0.06 -45.66 -38.38
N ASP A 83 0.99 -46.61 -38.47
CA ASP A 83 1.44 -47.13 -39.75
C ASP A 83 0.50 -48.22 -40.28
N LYS A 84 -0.75 -47.81 -40.52
CA LYS A 84 -1.80 -48.70 -41.00
C LYS A 84 -2.84 -47.94 -41.79
N PRO A 105 -10.66 -57.15 -41.37
CA PRO A 105 -9.84 -55.98 -41.12
C PRO A 105 -10.63 -54.82 -40.50
N GLY A 106 -11.95 -54.88 -40.66
CA GLY A 106 -12.81 -53.84 -40.13
C GLY A 106 -13.36 -54.18 -38.75
N LYS A 107 -12.72 -55.11 -38.07
CA LYS A 107 -13.02 -55.42 -36.68
C LYS A 107 -11.82 -55.31 -35.77
N ILE A 108 -10.63 -55.66 -36.26
CA ILE A 108 -9.41 -55.56 -35.46
C ILE A 108 -9.08 -54.09 -35.20
N LEU A 109 -9.29 -53.24 -36.20
CA LEU A 109 -9.10 -51.81 -36.03
C LEU A 109 -10.10 -51.23 -35.04
N GLU A 110 -11.34 -51.73 -35.06
CA GLU A 110 -12.34 -51.29 -34.08
C GLU A 110 -11.96 -51.74 -32.66
N GLU A 111 -11.40 -52.94 -32.53
CA GLU A 111 -10.95 -53.39 -31.21
C GLU A 111 -9.77 -52.56 -30.70
N GLU A 112 -8.86 -52.18 -31.60
CA GLU A 112 -7.74 -51.32 -31.18
C GLU A 112 -8.22 -49.93 -30.78
N MET A 113 -9.16 -49.35 -31.55
CA MET A 113 -9.74 -48.06 -31.20
C MET A 113 -10.44 -48.11 -29.85
N THR A 114 -11.22 -49.17 -29.60
CA THR A 114 -11.95 -49.28 -28.34
C THR A 114 -10.99 -49.46 -27.17
N ARG A 115 -9.92 -50.24 -27.37
CA ARG A 115 -8.91 -50.41 -26.32
C ARG A 115 -8.22 -49.09 -25.99
N TYR A 116 -7.90 -48.29 -27.01
CA TYR A 116 -7.24 -47.02 -26.75
C TYR A 116 -8.21 -46.02 -26.13
N ALA A 117 -9.50 -46.17 -26.40
CA ALA A 117 -10.50 -45.36 -25.71
C ALA A 117 -10.56 -45.72 -24.23
N TYR A 118 -10.37 -47.00 -23.90
CA TYR A 118 -10.27 -47.38 -22.48
C TYR A 118 -9.05 -46.77 -21.81
N TYR A 119 -7.92 -46.74 -22.53
CA TYR A 119 -6.71 -46.12 -21.98
C TYR A 119 -6.90 -44.63 -21.74
N TYR A 120 -7.40 -43.91 -22.74
CA TYR A 120 -7.59 -42.43 -22.62
C TYR A 120 -8.59 -42.07 -21.52
N SER A 121 -9.69 -42.82 -21.41
CA SER A 121 -10.70 -42.52 -20.36
C SER A 121 -10.07 -42.68 -18.97
N GLY A 122 -9.28 -43.74 -18.78
CA GLY A 122 -8.60 -43.98 -17.49
C GLY A 122 -7.61 -42.88 -17.20
N LEU A 123 -6.89 -42.43 -18.23
CA LEU A 123 -5.90 -41.32 -18.07
C LEU A 123 -6.65 -40.06 -17.65
N GLY A 124 -7.82 -39.80 -18.25
CA GLY A 124 -8.61 -38.62 -17.88
C GLY A 124 -9.06 -38.70 -16.44
N ALA A 125 -9.47 -39.89 -16.00
CA ALA A 125 -9.90 -40.09 -14.61
C ALA A 125 -8.72 -39.80 -13.67
N GLY A 126 -7.53 -40.27 -14.04
CA GLY A 126 -6.33 -40.02 -13.21
C GLY A 126 -6.02 -38.53 -13.15
N VAL A 127 -6.18 -37.84 -14.27
CA VAL A 127 -5.93 -36.37 -14.41
C VAL A 127 -6.92 -35.58 -13.56
N LEU A 128 -8.14 -36.08 -13.37
CA LEU A 128 -9.17 -35.32 -12.61
C LEU A 128 -8.69 -35.03 -11.17
N VAL A 129 -8.04 -36.00 -10.51
CA VAL A 129 -7.56 -35.87 -9.15
C VAL A 129 -6.13 -35.33 -9.12
N ALA A 130 -5.33 -35.58 -10.17
CA ALA A 130 -3.95 -35.07 -10.16
C ALA A 130 -3.92 -33.57 -10.34
N ALA A 131 -4.73 -33.03 -11.27
CA ALA A 131 -4.79 -31.59 -11.45
C ALA A 131 -5.42 -30.90 -10.25
N TYR A 132 -6.41 -31.54 -9.61
CA TYR A 132 -6.98 -30.97 -8.39
C TYR A 132 -5.93 -30.82 -7.29
N ILE A 133 -5.16 -31.88 -7.02
CA ILE A 133 -4.18 -31.81 -5.95
C ILE A 133 -3.03 -30.86 -6.31
N GLN A 134 -2.65 -30.85 -7.60
CA GLN A 134 -1.63 -29.94 -8.12
C GLN A 134 -1.95 -28.48 -7.84
N VAL A 135 -3.18 -28.06 -8.09
CA VAL A 135 -3.51 -26.66 -7.82
C VAL A 135 -3.75 -26.42 -6.33
N SER A 136 -4.51 -27.31 -5.67
CA SER A 136 -4.99 -27.04 -4.33
C SER A 136 -3.89 -27.01 -3.29
N PHE A 137 -2.87 -27.87 -3.42
CA PHE A 137 -1.88 -27.89 -2.37
C PHE A 137 -0.91 -26.71 -2.48
N TRP A 138 -0.56 -26.32 -3.70
CA TRP A 138 0.25 -25.13 -3.89
C TRP A 138 -0.47 -23.86 -3.43
N THR A 139 -1.78 -23.77 -3.68
CA THR A 139 -2.47 -22.56 -3.25
C THR A 139 -2.69 -22.53 -1.74
N LEU A 140 -2.93 -23.67 -1.09
CA LEU A 140 -2.99 -23.73 0.37
C LEU A 140 -1.66 -23.34 1.00
N ALA A 141 -0.55 -23.86 0.48
CA ALA A 141 0.75 -23.53 1.03
C ALA A 141 1.11 -22.06 0.85
N ALA A 142 0.80 -21.50 -0.32
CA ALA A 142 1.06 -20.08 -0.57
C ALA A 142 0.20 -19.19 0.34
N GLY A 143 -1.05 -19.59 0.59
CA GLY A 143 -1.88 -18.82 1.50
C GLY A 143 -1.37 -18.82 2.93
N ARG A 144 -0.92 -19.98 3.42
CA ARG A 144 -0.38 -20.08 4.78
C ARG A 144 0.88 -19.26 4.94
N GLN A 145 1.81 -19.35 3.98
CA GLN A 145 3.05 -18.62 4.20
C GLN A 145 2.94 -17.14 3.85
N ILE A 146 1.99 -16.72 3.01
CA ILE A 146 1.73 -15.29 2.85
C ILE A 146 1.11 -14.70 4.11
N ARG A 147 0.26 -15.46 4.82
CA ARG A 147 -0.22 -15.02 6.12
C ARG A 147 0.91 -14.82 7.12
N LYS A 148 1.86 -15.76 7.16
CA LYS A 148 2.92 -15.56 8.16
C LYS A 148 3.96 -14.53 7.75
N ILE A 149 4.15 -14.29 6.45
CA ILE A 149 5.01 -13.18 6.03
C ILE A 149 4.36 -11.84 6.37
N ARG A 150 3.04 -11.72 6.19
CA ARG A 150 2.34 -10.51 6.60
C ARG A 150 2.41 -10.27 8.10
N GLN A 151 2.37 -11.33 8.90
CA GLN A 151 2.50 -11.15 10.35
C GLN A 151 3.91 -10.74 10.75
N LYS A 152 4.92 -11.39 10.17
CA LYS A 152 6.30 -11.16 10.59
C LYS A 152 6.81 -9.80 10.12
N PHE A 153 6.33 -9.28 8.99
CA PHE A 153 6.79 -7.97 8.53
C PHE A 153 6.25 -6.86 9.41
N PHE A 154 5.00 -6.97 9.87
CA PHE A 154 4.45 -5.95 10.75
C PHE A 154 5.04 -6.05 12.15
N HIS A 155 5.34 -7.27 12.62
CA HIS A 155 6.09 -7.42 13.86
C HIS A 155 7.48 -6.81 13.75
N ALA A 156 8.15 -6.97 12.60
CA ALA A 156 9.47 -6.39 12.41
C ALA A 156 9.42 -4.87 12.32
N ILE A 157 8.34 -4.29 11.81
CA ILE A 157 8.19 -2.84 11.83
C ILE A 157 8.00 -2.34 13.26
N LEU A 158 7.11 -2.98 14.03
CA LEU A 158 6.89 -2.51 15.40
C LEU A 158 8.07 -2.77 16.33
N ARG A 159 8.95 -3.70 15.98
CA ARG A 159 10.10 -4.04 16.83
C ARG A 159 11.15 -2.93 16.85
N GLN A 160 11.35 -2.22 15.74
CA GLN A 160 12.46 -1.29 15.56
C GLN A 160 12.35 -0.08 16.48
N GLU A 161 13.47 0.61 16.67
CA GLU A 161 13.49 1.74 17.60
C GLU A 161 13.33 3.05 16.85
N ILE A 162 13.09 4.12 17.60
CA ILE A 162 12.70 5.40 17.03
C ILE A 162 13.86 6.07 16.28
N GLY A 163 15.10 5.75 16.59
CA GLY A 163 16.21 6.17 15.76
C GLY A 163 16.19 5.60 14.35
N TRP A 164 15.53 4.45 14.15
CA TRP A 164 15.35 3.93 12.81
C TRP A 164 14.21 4.63 12.09
N PHE A 165 13.19 5.04 12.83
CA PHE A 165 12.04 5.73 12.25
C PHE A 165 12.36 7.16 11.84
N ASP A 166 13.43 7.75 12.35
CA ASP A 166 13.80 9.11 11.95
C ASP A 166 14.63 9.13 10.69
N ILE A 167 15.58 8.20 10.54
CA ILE A 167 16.50 8.24 9.41
C ILE A 167 15.98 7.48 8.20
N ASN A 168 14.84 6.82 8.30
CA ASN A 168 14.28 6.05 7.20
C ASN A 168 12.87 6.53 6.84
N ASP A 169 12.40 6.05 5.70
CA ASP A 169 11.11 6.45 5.14
C ASP A 169 10.03 5.49 5.62
N THR A 170 9.08 6.01 6.40
CA THR A 170 8.08 5.18 7.04
C THR A 170 6.66 5.44 6.55
N THR A 171 6.45 6.44 5.71
CA THR A 171 5.19 6.56 4.99
C THR A 171 5.15 5.70 3.75
N GLU A 172 6.22 4.98 3.47
CA GLU A 172 6.37 4.10 2.32
C GLU A 172 5.97 2.67 2.65
N LEU A 173 5.79 2.36 3.94
CA LEU A 173 5.72 0.99 4.41
C LEU A 173 4.38 0.32 4.12
N ASN A 174 3.28 1.07 4.16
CA ASN A 174 1.99 0.46 3.87
C ASN A 174 1.86 0.11 2.39
N THR A 175 2.34 0.99 1.52
CA THR A 175 2.37 0.70 0.10
C THR A 175 3.30 -0.47 -0.20
N ARG A 176 4.46 -0.50 0.48
CA ARG A 176 5.42 -1.60 0.31
C ARG A 176 4.80 -2.92 0.75
N LEU A 177 4.13 -2.91 1.89
CA LEU A 177 3.43 -4.07 2.44
C LEU A 177 2.40 -4.62 1.47
N THR A 178 1.43 -3.78 1.09
CA THR A 178 0.31 -4.24 0.26
C THR A 178 0.79 -4.73 -1.11
N ASP A 179 1.58 -3.91 -1.82
CA ASP A 179 1.91 -4.26 -3.18
C ASP A 179 2.94 -5.37 -3.26
N ASP A 180 3.89 -5.45 -2.31
CA ASP A 180 4.85 -6.54 -2.38
C ASP A 180 4.24 -7.88 -1.98
N ILE A 181 3.36 -7.89 -0.99
CA ILE A 181 2.76 -9.17 -0.63
C ILE A 181 1.80 -9.64 -1.73
N SER A 182 1.20 -8.70 -2.48
CA SER A 182 0.44 -9.10 -3.66
C SER A 182 1.33 -9.71 -4.74
N LYS A 183 2.52 -9.12 -4.98
CA LYS A 183 3.43 -9.69 -5.98
C LYS A 183 3.95 -11.06 -5.57
N ILE A 184 4.24 -11.24 -4.27
CA ILE A 184 4.74 -12.53 -3.81
C ILE A 184 3.63 -13.59 -3.85
N SER A 185 2.39 -13.20 -3.52
CA SER A 185 1.27 -14.13 -3.62
C SER A 185 1.02 -14.56 -5.06
N GLU A 186 1.22 -13.65 -6.01
CA GLU A 186 1.12 -14.06 -7.41
C GLU A 186 2.31 -14.92 -7.82
N GLY A 187 3.44 -14.78 -7.13
CA GLY A 187 4.65 -15.45 -7.57
C GLY A 187 4.84 -16.87 -7.05
N ILE A 188 4.60 -17.09 -5.76
CA ILE A 188 4.93 -18.38 -5.13
C ILE A 188 3.72 -19.31 -5.05
N GLY A 189 2.66 -19.02 -5.79
CA GLY A 189 1.47 -19.85 -5.70
C GLY A 189 1.38 -20.92 -6.77
N ASP A 190 0.33 -20.86 -7.57
CA ASP A 190 0.02 -21.92 -8.53
C ASP A 190 0.98 -21.92 -9.71
N LYS A 191 1.63 -20.78 -9.99
CA LYS A 191 2.50 -20.64 -11.15
C LYS A 191 3.66 -21.62 -11.10
N VAL A 192 4.15 -21.92 -9.89
CA VAL A 192 5.26 -22.86 -9.73
C VAL A 192 4.82 -24.27 -10.08
N GLY A 193 3.61 -24.65 -9.68
CA GLY A 193 3.10 -25.97 -10.00
C GLY A 193 2.87 -26.16 -11.49
N MET A 194 2.37 -25.12 -12.17
CA MET A 194 2.20 -25.23 -13.61
C MET A 194 3.55 -25.26 -14.32
N PHE A 195 4.56 -24.60 -13.76
CA PHE A 195 5.92 -24.72 -14.28
C PHE A 195 6.44 -26.15 -14.20
N PHE A 196 6.20 -26.83 -13.06
CA PHE A 196 6.66 -28.21 -12.95
C PHE A 196 5.91 -29.14 -13.88
N GLN A 197 4.63 -28.85 -14.12
CA GLN A 197 3.86 -29.59 -15.12
C GLN A 197 4.49 -29.50 -16.52
N ALA A 198 4.86 -28.29 -16.93
CA ALA A 198 5.48 -28.13 -18.26
C ALA A 198 6.85 -28.80 -18.35
N VAL A 199 7.65 -28.74 -17.28
CA VAL A 199 8.95 -29.41 -17.27
C VAL A 199 8.79 -30.93 -17.36
N ALA A 200 7.80 -31.49 -16.64
CA ALA A 200 7.57 -32.92 -16.70
C ALA A 200 7.08 -33.36 -18.06
N THR A 201 6.27 -32.52 -18.73
CA THR A 201 5.83 -32.82 -20.10
C THR A 201 7.02 -32.87 -21.06
N PHE A 202 7.95 -31.93 -20.93
CA PHE A 202 9.13 -31.89 -21.80
C PHE A 202 10.02 -33.11 -21.59
N PHE A 203 10.30 -33.46 -20.34
CA PHE A 203 11.18 -34.60 -20.12
C PHE A 203 10.49 -35.95 -20.34
N ALA A 204 9.16 -36.03 -20.25
CA ALA A 204 8.48 -37.24 -20.68
C ALA A 204 8.52 -37.40 -22.19
N GLY A 205 8.46 -36.29 -22.94
CA GLY A 205 8.71 -36.37 -24.36
C GLY A 205 10.11 -36.83 -24.69
N PHE A 206 11.09 -36.43 -23.88
CA PHE A 206 12.44 -36.97 -24.02
C PHE A 206 12.51 -38.47 -23.76
N ILE A 207 11.80 -38.95 -22.73
CA ILE A 207 11.80 -40.38 -22.39
C ILE A 207 11.19 -41.21 -23.53
N VAL A 208 10.09 -40.72 -24.10
CA VAL A 208 9.47 -41.36 -25.27
C VAL A 208 10.41 -41.35 -26.46
N GLY A 209 11.17 -40.26 -26.64
CA GLY A 209 12.14 -40.21 -27.71
C GLY A 209 13.26 -41.23 -27.54
N PHE A 210 13.76 -41.39 -26.32
CA PHE A 210 14.81 -42.38 -26.10
C PHE A 210 14.30 -43.81 -26.14
N ILE A 211 13.01 -44.04 -25.88
CA ILE A 211 12.46 -45.38 -26.10
C ILE A 211 12.35 -45.68 -27.59
N ARG A 212 11.74 -44.78 -28.36
CA ARG A 212 11.47 -45.08 -29.76
C ARG A 212 12.70 -44.94 -30.65
N GLY A 213 13.24 -43.72 -30.78
CA GLY A 213 14.45 -43.55 -31.59
C GLY A 213 15.49 -42.67 -30.93
N TRP A 214 16.65 -43.24 -30.60
CA TRP A 214 17.61 -42.50 -29.78
C TRP A 214 18.48 -41.56 -30.58
N LYS A 215 18.65 -41.78 -31.89
CA LYS A 215 19.44 -40.86 -32.68
C LYS A 215 18.69 -39.59 -33.04
N LEU A 216 17.37 -39.56 -32.87
CA LEU A 216 16.62 -38.34 -33.15
C LEU A 216 16.55 -37.43 -31.94
N THR A 217 16.63 -37.97 -30.74
CA THR A 217 16.38 -37.20 -29.54
C THR A 217 17.64 -36.50 -29.03
N LEU A 218 18.83 -36.97 -29.42
CA LEU A 218 20.06 -36.32 -29.00
C LEU A 218 20.23 -34.96 -29.67
N VAL A 219 19.81 -34.85 -30.93
CA VAL A 219 19.89 -33.60 -31.69
C VAL A 219 19.02 -32.53 -31.04
N ILE A 220 17.90 -32.92 -30.46
CA ILE A 220 17.01 -31.97 -29.79
C ILE A 220 17.41 -31.74 -28.35
N MET A 221 17.96 -32.76 -27.67
CA MET A 221 18.44 -32.58 -26.31
C MET A 221 19.69 -31.71 -26.26
N ALA A 222 20.39 -31.58 -27.39
CA ALA A 222 21.56 -30.70 -27.46
C ALA A 222 21.24 -29.21 -27.31
N ILE A 223 19.98 -28.78 -27.35
CA ILE A 223 19.66 -27.35 -27.23
C ILE A 223 19.06 -26.99 -25.89
N SER A 224 18.66 -27.95 -25.05
CA SER A 224 18.02 -27.61 -23.79
C SER A 224 18.87 -26.84 -22.77
N PRO A 225 20.21 -26.98 -22.67
CA PRO A 225 20.93 -26.02 -21.82
C PRO A 225 20.93 -24.60 -22.35
N ILE A 226 20.74 -24.39 -23.66
CA ILE A 226 20.63 -23.04 -24.18
C ILE A 226 19.31 -22.40 -23.74
N LEU A 227 18.23 -23.20 -23.72
CA LEU A 227 16.95 -22.70 -23.21
C LEU A 227 17.01 -22.42 -21.72
N GLY A 228 17.65 -23.29 -20.94
CA GLY A 228 17.82 -23.03 -19.52
C GLY A 228 18.68 -21.82 -19.23
N LEU A 229 19.76 -21.65 -20.01
CA LEU A 229 20.63 -20.48 -19.89
C LEU A 229 19.89 -19.19 -20.19
N SER A 230 19.12 -19.16 -21.29
CA SER A 230 18.39 -17.96 -21.66
C SER A 230 17.30 -17.63 -20.67
N ALA A 231 16.57 -18.63 -20.18
CA ALA A 231 15.52 -18.37 -19.20
C ALA A 231 16.10 -17.86 -17.89
N ALA A 232 17.25 -18.39 -17.46
CA ALA A 232 17.88 -17.91 -16.24
C ALA A 232 18.41 -16.49 -16.38
N VAL A 233 19.05 -16.17 -17.53
CA VAL A 233 19.59 -14.83 -17.76
C VAL A 233 18.49 -13.78 -17.77
N TRP A 234 17.45 -14.00 -18.59
CA TRP A 234 16.41 -12.99 -18.70
C TRP A 234 15.53 -12.96 -17.47
N ALA A 235 15.45 -14.04 -16.68
CA ALA A 235 14.73 -13.96 -15.42
C ALA A 235 15.49 -13.18 -14.37
N LYS A 236 16.83 -13.25 -14.39
CA LYS A 236 17.61 -12.43 -13.46
C LYS A 236 17.51 -10.93 -13.80
N ILE A 237 17.57 -10.60 -15.09
CA ILE A 237 17.38 -9.22 -15.54
C ILE A 237 15.98 -8.72 -15.18
N LEU A 238 14.98 -9.59 -15.31
CA LEU A 238 13.61 -9.18 -15.00
C LEU A 238 13.39 -9.00 -13.50
N SER A 239 14.09 -9.77 -12.66
CA SER A 239 13.95 -9.55 -11.23
C SER A 239 14.60 -8.23 -10.81
N ALA A 240 15.72 -7.87 -11.46
CA ALA A 240 16.33 -6.56 -11.22
C ALA A 240 15.39 -5.41 -11.58
N PHE A 241 14.79 -5.45 -12.78
CA PHE A 241 13.85 -4.40 -13.16
C PHE A 241 12.58 -4.42 -12.34
N SER A 242 12.20 -5.58 -11.78
CA SER A 242 11.04 -5.62 -10.91
C SER A 242 11.30 -4.87 -9.61
N ASP A 243 12.49 -5.03 -9.03
CA ASP A 243 12.85 -4.25 -7.85
C ASP A 243 12.90 -2.76 -8.15
N LYS A 244 13.45 -2.40 -9.31
CA LYS A 244 13.57 -0.98 -9.66
C LYS A 244 12.20 -0.34 -9.90
N GLU A 245 11.27 -1.08 -10.50
CA GLU A 245 9.92 -0.53 -10.71
C GLU A 245 9.16 -0.42 -9.39
N LEU A 246 9.36 -1.43 -8.54
CA LEU A 246 8.65 -1.52 -7.23
C LEU A 246 9.03 -0.33 -6.33
N ALA A 247 10.31 0.03 -6.29
CA ALA A 247 10.76 1.16 -5.49
C ALA A 247 10.10 2.46 -5.93
N ALA A 248 9.89 2.63 -7.23
CA ALA A 248 9.24 3.84 -7.74
C ALA A 248 7.78 3.90 -7.35
N TYR A 249 7.07 2.77 -7.46
CA TYR A 249 5.68 2.77 -7.00
C TYR A 249 5.57 3.00 -5.49
N ALA A 250 6.58 2.57 -4.74
CA ALA A 250 6.56 2.82 -3.30
C ALA A 250 6.79 4.30 -2.96
N LYS A 251 7.66 4.98 -3.73
CA LYS A 251 7.84 6.43 -3.54
C LYS A 251 6.57 7.20 -3.86
N ALA A 252 5.88 6.81 -4.95
CA ALA A 252 4.61 7.45 -5.29
C ALA A 252 3.55 7.22 -4.22
N GLY A 253 3.51 6.02 -3.65
CA GLY A 253 2.60 5.76 -2.56
C GLY A 253 2.92 6.52 -1.29
N ALA A 254 4.21 6.81 -1.07
CA ALA A 254 4.59 7.65 0.07
C ALA A 254 4.14 9.09 -0.12
N VAL A 255 4.21 9.59 -1.36
CA VAL A 255 3.68 10.93 -1.68
C VAL A 255 2.18 11.00 -1.41
N ALA A 256 1.44 9.98 -1.87
CA ALA A 256 -0.01 9.95 -1.68
C ALA A 256 -0.40 9.82 -0.21
N GLU A 257 0.31 8.98 0.54
CA GLU A 257 -0.02 8.78 1.95
C GLU A 257 0.38 9.96 2.81
N GLU A 258 1.38 10.74 2.38
CA GLU A 258 1.67 12.00 3.05
C GLU A 258 0.62 13.05 2.74
N ALA A 259 0.14 13.10 1.49
CA ALA A 259 -0.82 14.13 1.10
C ALA A 259 -2.19 13.89 1.71
N LEU A 260 -2.59 12.63 1.86
CA LEU A 260 -3.90 12.33 2.42
C LEU A 260 -3.93 12.35 3.94
N GLY A 261 -2.77 12.29 4.58
CA GLY A 261 -2.76 12.32 6.03
C GLY A 261 -3.08 13.69 6.59
N ALA A 262 -2.50 14.72 5.99
CA ALA A 262 -2.78 16.11 6.32
C ALA A 262 -3.56 16.70 5.16
N ILE A 263 -4.86 16.47 5.15
CA ILE A 263 -5.65 16.88 4.00
C ILE A 263 -6.24 18.27 4.20
N ARG A 264 -6.42 18.71 5.45
CA ARG A 264 -6.97 20.03 5.70
C ARG A 264 -6.02 21.12 5.26
N THR A 265 -4.72 20.92 5.44
CA THR A 265 -3.78 21.94 4.99
C THR A 265 -3.58 21.92 3.48
N VAL A 266 -3.66 20.75 2.85
CA VAL A 266 -3.56 20.66 1.40
C VAL A 266 -4.77 21.31 0.76
N ILE A 267 -5.95 21.17 1.36
CA ILE A 267 -7.15 21.84 0.85
C ILE A 267 -7.07 23.34 1.09
N ALA A 268 -6.70 23.74 2.32
CA ALA A 268 -6.80 25.15 2.71
C ALA A 268 -5.75 26.00 2.03
N PHE A 269 -4.57 25.45 1.73
CA PHE A 269 -3.54 26.21 1.03
C PHE A 269 -3.53 25.96 -0.45
N GLY A 270 -4.53 25.27 -0.99
CA GLY A 270 -4.67 25.08 -2.41
C GLY A 270 -3.58 24.24 -3.05
N GLY A 271 -3.18 23.15 -2.40
CA GLY A 271 -2.07 22.39 -2.91
C GLY A 271 -2.46 21.07 -3.52
N GLN A 272 -3.54 21.02 -4.30
CA GLN A 272 -3.89 19.78 -4.98
C GLN A 272 -2.96 19.52 -6.16
N ASN A 273 -2.65 20.56 -6.92
CA ASN A 273 -1.82 20.37 -8.12
C ASN A 273 -0.37 20.08 -7.77
N LYS A 274 0.12 20.60 -6.65
CA LYS A 274 1.50 20.31 -6.24
C LYS A 274 1.64 18.84 -5.83
N GLU A 275 0.70 18.32 -5.05
CA GLU A 275 0.74 16.92 -4.67
C GLU A 275 0.51 16.01 -5.86
N LEU A 276 -0.32 16.43 -6.81
CA LEU A 276 -0.55 15.61 -7.99
C LEU A 276 0.69 15.58 -8.88
N GLU A 277 1.40 16.69 -9.03
CA GLU A 277 2.63 16.67 -9.81
C GLU A 277 3.73 15.86 -9.13
N ARG A 278 3.79 15.91 -7.80
CA ARG A 278 4.75 15.08 -7.08
C ARG A 278 4.44 13.60 -7.22
N TYR A 279 3.16 13.24 -7.37
CA TYR A 279 2.79 11.84 -7.62
C TYR A 279 3.17 11.41 -9.04
N GLN A 280 2.87 12.28 -10.02
CA GLN A 280 3.11 11.94 -11.41
C GLN A 280 4.60 11.87 -11.75
N LYS A 281 5.43 12.58 -10.99
CA LYS A 281 6.88 12.52 -11.19
C LYS A 281 7.43 11.12 -10.95
N HIS A 282 6.84 10.36 -10.04
CA HIS A 282 7.28 8.99 -9.79
C HIS A 282 6.53 7.98 -10.65
N LEU A 283 5.28 8.28 -11.02
CA LEU A 283 4.57 7.39 -11.95
C LEU A 283 5.24 7.31 -13.30
N GLU A 284 5.84 8.43 -13.75
CA GLU A 284 6.54 8.40 -15.04
C GLU A 284 7.78 7.52 -14.99
N ASN A 285 8.49 7.52 -13.85
CA ASN A 285 9.67 6.65 -13.70
C ASN A 285 9.28 5.18 -13.67
N ALA A 286 8.21 4.84 -12.95
CA ALA A 286 7.77 3.44 -12.90
C ALA A 286 7.27 2.97 -14.27
N LYS A 287 6.63 3.86 -15.03
CA LYS A 287 6.27 3.55 -16.42
C LYS A 287 7.50 3.25 -17.27
N GLU A 288 8.52 4.09 -17.19
CA GLU A 288 9.69 3.90 -18.03
C GLU A 288 10.52 2.69 -17.62
N ILE A 289 10.35 2.20 -16.39
CA ILE A 289 10.97 0.93 -16.02
C ILE A 289 10.15 -0.26 -16.52
N GLY A 290 8.82 -0.17 -16.43
CA GLY A 290 7.96 -1.27 -16.86
C GLY A 290 8.00 -1.53 -18.36
N ILE A 291 8.28 -0.50 -19.16
CA ILE A 291 8.40 -0.69 -20.61
C ILE A 291 9.59 -1.58 -20.94
N LYS A 292 10.76 -1.28 -20.38
CA LYS A 292 11.91 -2.11 -20.70
C LYS A 292 11.89 -3.46 -19.98
N LYS A 293 11.14 -3.56 -18.88
CA LYS A 293 10.79 -4.87 -18.33
C LYS A 293 10.04 -5.72 -19.36
N ALA A 294 9.07 -5.13 -20.06
CA ALA A 294 8.35 -5.85 -21.10
C ALA A 294 9.24 -6.20 -22.28
N ILE A 295 10.18 -5.32 -22.63
CA ILE A 295 11.15 -5.58 -23.70
C ILE A 295 11.97 -6.84 -23.40
N SER A 296 12.53 -6.92 -22.19
CA SER A 296 13.32 -8.11 -21.83
C SER A 296 12.45 -9.36 -21.72
N ALA A 297 11.25 -9.21 -21.13
CA ALA A 297 10.34 -10.33 -20.95
C ALA A 297 9.87 -10.94 -22.25
N ASN A 298 9.92 -10.20 -23.36
CA ASN A 298 9.51 -10.79 -24.63
C ASN A 298 10.64 -11.09 -25.59
N ILE A 299 11.83 -10.50 -25.39
CA ILE A 299 13.04 -11.06 -26.02
C ILE A 299 13.27 -12.50 -25.53
N SER A 300 12.91 -12.78 -24.27
CA SER A 300 13.02 -14.16 -23.75
C SER A 300 12.19 -15.16 -24.56
N MET A 301 10.89 -14.89 -24.75
CA MET A 301 10.04 -15.82 -25.49
C MET A 301 10.37 -15.88 -26.98
N GLY A 302 10.79 -14.75 -27.57
CA GLY A 302 11.24 -14.79 -28.95
C GLY A 302 12.44 -15.70 -29.15
N ILE A 303 13.43 -15.60 -28.27
CA ILE A 303 14.61 -16.47 -28.39
C ILE A 303 14.25 -17.92 -28.13
N ALA A 304 13.32 -18.18 -27.19
CA ALA A 304 12.89 -19.55 -26.90
C ALA A 304 12.23 -20.21 -28.11
N PHE A 305 11.26 -19.54 -28.73
CA PHE A 305 10.60 -20.16 -29.89
C PHE A 305 11.50 -20.18 -31.12
N LEU A 306 12.44 -19.25 -31.24
CA LEU A 306 13.44 -19.32 -32.31
C LEU A 306 14.29 -20.58 -32.17
N LEU A 307 14.72 -20.90 -30.94
CA LEU A 307 15.51 -22.11 -30.73
C LEU A 307 14.69 -23.36 -30.95
N ILE A 308 13.40 -23.33 -30.57
CA ILE A 308 12.53 -24.50 -30.77
C ILE A 308 12.37 -24.83 -32.24
N TYR A 309 11.99 -23.84 -33.06
CA TYR A 309 11.76 -24.18 -34.46
C TYR A 309 13.08 -24.39 -35.23
N ALA A 310 14.17 -23.73 -34.83
CA ALA A 310 15.43 -23.97 -35.52
C ALA A 310 15.99 -25.37 -35.21
N SER A 311 15.87 -25.82 -33.96
CA SER A 311 16.33 -27.17 -33.65
C SER A 311 15.41 -28.22 -34.24
N TYR A 312 14.12 -27.93 -34.36
CA TYR A 312 13.23 -28.88 -35.01
C TYR A 312 13.53 -28.97 -36.51
N ALA A 313 13.96 -27.87 -37.13
CA ALA A 313 14.45 -27.92 -38.50
C ALA A 313 15.69 -28.79 -38.63
N LEU A 314 16.63 -28.64 -37.67
CA LEU A 314 17.86 -29.44 -37.71
C LEU A 314 17.57 -30.92 -37.52
N ALA A 315 16.72 -31.26 -36.56
CA ALA A 315 16.37 -32.65 -36.31
C ALA A 315 15.58 -33.26 -37.46
N PHE A 316 14.76 -32.46 -38.14
CA PHE A 316 13.99 -32.99 -39.24
C PHE A 316 14.86 -33.22 -40.47
N TRP A 317 15.84 -32.34 -40.71
CA TRP A 317 16.80 -32.61 -41.78
C TRP A 317 17.67 -33.82 -41.47
N TYR A 318 17.99 -34.04 -40.19
CA TYR A 318 18.77 -35.22 -39.84
C TYR A 318 17.94 -36.49 -39.95
N GLY A 319 16.67 -36.45 -39.54
CA GLY A 319 15.80 -37.61 -39.63
C GLY A 319 15.38 -37.94 -41.05
N SER A 320 15.48 -36.97 -41.96
CA SER A 320 15.24 -37.23 -43.38
C SER A 320 16.13 -38.34 -43.92
N THR A 321 17.43 -38.25 -43.64
CA THR A 321 18.38 -39.23 -44.19
C THR A 321 18.17 -40.61 -43.58
N LEU A 322 17.80 -40.68 -42.30
CA LEU A 322 17.54 -41.95 -41.65
C LEU A 322 16.27 -42.63 -42.18
N VAL A 323 15.20 -41.86 -42.34
CA VAL A 323 13.95 -42.43 -42.84
C VAL A 323 14.08 -42.84 -44.30
N ILE A 324 14.86 -42.08 -45.09
CA ILE A 324 15.06 -42.45 -46.49
C ILE A 324 15.97 -43.68 -46.60
N SER A 325 17.01 -43.77 -45.77
CA SER A 325 17.88 -44.95 -45.78
C SER A 325 17.34 -46.11 -44.96
N LYS A 326 16.11 -46.00 -44.45
CA LYS A 326 15.32 -47.08 -43.85
C LYS A 326 15.94 -47.63 -42.58
N GLU A 327 16.75 -46.83 -41.90
CA GLU A 327 17.24 -47.23 -40.60
C GLU A 327 16.15 -47.08 -39.54
N TYR A 328 15.25 -46.12 -39.73
CA TYR A 328 14.01 -46.04 -38.98
C TYR A 328 12.85 -46.27 -39.93
N THR A 329 11.66 -46.45 -39.38
CA THR A 329 10.46 -46.53 -40.20
C THR A 329 9.69 -45.23 -40.09
N ILE A 330 8.50 -45.21 -40.69
CA ILE A 330 7.67 -44.00 -40.64
C ILE A 330 7.09 -43.81 -39.25
N GLY A 331 6.77 -44.91 -38.58
CA GLY A 331 6.13 -44.80 -37.27
C GLY A 331 7.09 -44.38 -36.16
N ASN A 332 8.35 -44.80 -36.23
CA ASN A 332 9.30 -44.44 -35.19
C ASN A 332 9.74 -42.98 -35.27
N ALA A 333 9.69 -42.37 -36.45
CA ALA A 333 10.07 -40.97 -36.56
C ALA A 333 8.96 -40.05 -36.08
N MET A 334 7.72 -40.36 -36.42
CA MET A 334 6.63 -39.42 -36.18
C MET A 334 6.24 -39.35 -34.71
N THR A 335 6.40 -40.45 -33.97
CA THR A 335 6.11 -40.41 -32.54
C THR A 335 7.12 -39.55 -31.80
N VAL A 336 8.39 -39.65 -32.19
CA VAL A 336 9.45 -38.81 -31.65
C VAL A 336 9.16 -37.35 -31.95
N PHE A 337 8.83 -37.03 -33.21
CA PHE A 337 8.53 -35.66 -33.61
C PHE A 337 7.35 -35.08 -32.86
N PHE A 338 6.26 -35.83 -32.73
CA PHE A 338 5.05 -35.32 -32.12
C PHE A 338 5.20 -35.15 -30.61
N SER A 339 5.84 -36.12 -29.93
CA SER A 339 6.04 -36.00 -28.48
C SER A 339 6.98 -34.86 -28.13
N ILE A 340 8.03 -34.68 -28.93
CA ILE A 340 8.96 -33.59 -28.66
C ILE A 340 8.33 -32.24 -28.96
N LEU A 341 7.45 -32.15 -29.96
CA LEU A 341 6.77 -30.87 -30.18
C LEU A 341 5.77 -30.52 -29.09
N ILE A 342 5.10 -31.51 -28.51
CA ILE A 342 4.23 -31.23 -27.36
C ILE A 342 5.05 -30.68 -26.19
N GLY A 343 6.18 -31.33 -25.89
CA GLY A 343 7.01 -30.85 -24.79
C GLY A 343 7.63 -29.47 -25.04
N ALA A 344 8.05 -29.24 -26.28
CA ALA A 344 8.71 -27.98 -26.62
C ALA A 344 7.73 -26.83 -26.63
N PHE A 345 6.46 -27.08 -26.99
CA PHE A 345 5.49 -26.00 -26.88
C PHE A 345 5.16 -25.72 -25.42
N SER A 346 5.13 -26.78 -24.58
CA SER A 346 4.76 -26.58 -23.18
C SER A 346 5.80 -25.76 -22.40
N VAL A 347 7.09 -25.97 -22.66
CA VAL A 347 8.11 -25.18 -21.97
C VAL A 347 8.04 -23.71 -22.40
N GLY A 348 7.66 -23.45 -23.65
CA GLY A 348 7.52 -22.08 -24.08
C GLY A 348 6.34 -21.40 -23.44
N GLN A 349 5.26 -22.15 -23.20
CA GLN A 349 4.10 -21.55 -22.55
C GLN A 349 4.34 -21.32 -21.06
N ALA A 350 5.30 -22.02 -20.45
CA ALA A 350 5.60 -21.75 -19.05
C ALA A 350 6.44 -20.51 -18.81
N ALA A 351 6.78 -19.74 -19.85
CA ALA A 351 7.55 -18.50 -19.67
C ALA A 351 6.87 -17.40 -18.86
N PRO A 352 5.54 -17.16 -18.93
CA PRO A 352 4.93 -16.23 -17.98
C PRO A 352 5.04 -16.63 -16.52
N CYS A 353 5.05 -17.93 -16.21
CA CYS A 353 5.23 -18.37 -14.84
C CYS A 353 6.65 -18.09 -14.36
N ILE A 354 7.62 -18.22 -15.28
CA ILE A 354 9.00 -17.84 -14.99
C ILE A 354 9.11 -16.36 -14.68
N ASP A 355 8.42 -15.53 -15.48
CA ASP A 355 8.43 -14.08 -15.24
C ASP A 355 7.76 -13.73 -13.92
N ALA A 356 6.70 -14.45 -13.54
CA ALA A 356 6.03 -14.19 -12.26
C ALA A 356 6.90 -14.57 -11.07
N PHE A 357 7.66 -15.66 -11.19
CA PHE A 357 8.56 -16.03 -10.10
C PHE A 357 9.69 -15.03 -9.96
N ALA A 358 10.19 -14.50 -11.08
CA ALA A 358 11.22 -13.46 -11.03
C ALA A 358 10.71 -12.19 -10.38
N ASN A 359 9.44 -11.83 -10.63
CA ASN A 359 8.85 -10.67 -9.98
C ASN A 359 8.72 -10.85 -8.47
N ALA A 360 8.34 -12.05 -8.03
CA ALA A 360 8.24 -12.30 -6.58
C ALA A 360 9.60 -12.25 -5.90
N ARG A 361 10.62 -12.81 -6.56
CA ARG A 361 11.97 -12.75 -6.02
C ARG A 361 12.47 -11.32 -5.93
N GLY A 362 12.10 -10.47 -6.89
CA GLY A 362 12.47 -9.06 -6.82
C GLY A 362 11.75 -8.31 -5.71
N ALA A 363 10.51 -8.68 -5.43
CA ALA A 363 9.76 -7.98 -4.38
C ALA A 363 10.27 -8.34 -2.98
N ALA A 364 10.80 -9.54 -2.79
CA ALA A 364 11.13 -10.01 -1.44
C ALA A 364 12.36 -9.33 -0.82
N TYR A 365 13.16 -8.60 -1.61
CA TYR A 365 14.45 -8.06 -1.18
C TYR A 365 14.34 -7.13 0.01
N VAL A 366 13.36 -6.23 -0.03
CA VAL A 366 13.26 -5.20 1.00
C VAL A 366 12.55 -5.75 2.23
N ILE A 367 11.59 -6.64 2.04
CA ILE A 367 10.82 -7.18 3.16
C ILE A 367 11.68 -8.05 4.04
N PHE A 368 12.55 -8.88 3.44
CA PHE A 368 13.31 -9.81 4.28
C PHE A 368 14.37 -9.08 5.12
N ASP A 369 14.89 -7.96 4.61
CA ASP A 369 15.92 -7.21 5.31
C ASP A 369 15.38 -6.56 6.59
N ILE A 370 14.16 -6.02 6.54
CA ILE A 370 13.58 -5.35 7.70
C ILE A 370 13.36 -6.34 8.83
N ILE A 371 13.02 -7.58 8.49
CA ILE A 371 12.96 -8.65 9.49
C ILE A 371 14.34 -8.98 10.01
N ASP A 372 15.37 -8.88 9.14
CA ASP A 372 16.72 -9.22 9.59
C ASP A 372 17.30 -8.15 10.53
N ASN A 373 16.90 -6.89 10.39
CA ASN A 373 17.54 -5.82 11.16
C ASN A 373 17.17 -5.92 12.63
N ASN A 374 18.13 -5.58 13.50
CA ASN A 374 18.00 -5.72 14.93
C ASN A 374 18.22 -4.40 15.66
N PRO A 375 17.34 -4.04 16.59
CA PRO A 375 17.50 -2.78 17.33
C PRO A 375 18.42 -2.91 18.54
N LYS A 376 19.14 -1.82 18.84
CA LYS A 376 19.93 -1.78 20.06
C LYS A 376 19.04 -1.71 21.30
N ILE A 377 18.06 -0.80 21.29
CA ILE A 377 17.04 -0.76 22.33
C ILE A 377 15.93 -1.69 21.86
N ASP A 378 15.87 -2.89 22.41
CA ASP A 378 14.92 -3.89 21.94
C ASP A 378 13.64 -3.77 22.74
N SER A 379 12.51 -3.70 22.04
CA SER A 379 11.24 -3.45 22.70
C SER A 379 10.62 -4.73 23.23
N PHE A 380 10.69 -5.81 22.46
CA PHE A 380 10.03 -7.06 22.82
C PHE A 380 10.87 -7.97 23.69
N SER A 381 12.15 -7.66 23.90
CA SER A 381 13.04 -8.57 24.59
C SER A 381 12.74 -8.61 26.09
N GLU A 382 13.22 -9.67 26.74
CA GLU A 382 13.12 -9.85 28.19
C GLU A 382 14.50 -10.23 28.75
N ARG A 383 15.32 -9.21 29.01
CA ARG A 383 16.68 -9.43 29.49
C ARG A 383 17.09 -8.45 30.58
N GLY A 384 16.15 -7.82 31.27
CA GLY A 384 16.46 -6.80 32.24
C GLY A 384 15.84 -7.07 33.58
N HIS A 385 16.21 -6.25 34.55
CA HIS A 385 15.71 -6.40 35.90
C HIS A 385 14.30 -5.86 36.01
N LYS A 386 13.46 -6.58 36.76
CA LYS A 386 12.11 -6.13 37.11
C LYS A 386 12.03 -6.08 38.63
N PRO A 387 12.54 -5.01 39.25
CA PRO A 387 12.53 -4.95 40.71
C PRO A 387 11.14 -4.71 41.25
N ASP A 388 10.87 -5.30 42.42
CA ASP A 388 9.51 -5.33 42.96
C ASP A 388 9.08 -3.96 43.45
N SER A 389 9.98 -3.21 44.08
CA SER A 389 9.64 -1.91 44.65
C SER A 389 10.62 -0.88 44.13
N ILE A 390 10.09 0.15 43.47
CA ILE A 390 10.87 1.28 43.00
C ILE A 390 10.29 2.54 43.62
N LYS A 391 11.02 3.14 44.55
CA LYS A 391 10.77 4.52 44.91
C LYS A 391 11.23 5.39 43.75
N GLY A 392 10.48 6.45 43.48
CA GLY A 392 10.68 7.17 42.23
C GLY A 392 11.88 8.09 42.14
N ASN A 393 13.05 7.66 42.61
CA ASN A 393 14.23 8.50 42.50
C ASN A 393 14.70 8.53 41.05
N LEU A 394 15.21 9.68 40.63
CA LEU A 394 15.58 9.90 39.24
C LEU A 394 16.71 10.91 39.22
N GLU A 395 17.74 10.64 38.43
CA GLU A 395 18.95 11.45 38.53
C GLU A 395 19.74 11.36 37.23
N PHE A 396 20.22 12.50 36.75
CA PHE A 396 21.11 12.52 35.59
C PHE A 396 22.54 12.70 36.06
N ASN A 397 23.48 12.28 35.22
CA ASN A 397 24.90 12.43 35.52
C ASN A 397 25.64 12.70 34.22
N ASP A 398 25.81 13.98 33.90
CA ASP A 398 26.62 14.48 32.77
C ASP A 398 26.13 13.88 31.44
N VAL A 399 24.90 14.22 31.08
CA VAL A 399 24.26 13.61 29.93
C VAL A 399 24.58 14.44 28.69
N HIS A 400 25.23 13.82 27.72
CA HIS A 400 25.50 14.42 26.42
C HIS A 400 24.68 13.70 25.37
N PHE A 401 24.02 14.45 24.48
CA PHE A 401 23.09 13.83 23.56
C PHE A 401 22.95 14.63 22.27
N SER A 402 22.79 13.92 21.16
CA SER A 402 22.44 14.49 19.88
C SER A 402 21.54 13.51 19.14
N TYR A 403 20.51 14.01 18.48
CA TYR A 403 19.59 13.15 17.74
C TYR A 403 20.30 12.57 16.51
N PRO A 404 19.93 11.36 16.07
CA PRO A 404 20.66 10.74 14.97
C PRO A 404 20.38 11.32 13.60
N SER A 405 19.30 12.07 13.43
CA SER A 405 19.01 12.66 12.13
C SER A 405 19.82 13.93 11.89
N ARG A 406 19.96 14.77 12.91
CA ARG A 406 20.94 15.85 12.93
C ARG A 406 21.98 15.49 13.97
N ALA A 407 23.01 14.77 13.57
CA ALA A 407 23.99 14.25 14.52
C ALA A 407 25.00 15.30 14.96
N ASN A 408 25.27 16.30 14.14
CA ASN A 408 26.32 17.26 14.41
C ASN A 408 25.83 18.49 15.17
N VAL A 409 24.60 18.49 15.64
CA VAL A 409 24.04 19.59 16.42
C VAL A 409 23.91 19.10 17.84
N LYS A 410 24.80 19.58 18.72
CA LYS A 410 24.82 19.11 20.09
C LYS A 410 23.74 19.83 20.87
N ILE A 411 22.97 19.09 21.67
CA ILE A 411 21.73 19.59 22.26
C ILE A 411 21.79 19.60 23.78
N LEU A 412 22.09 18.45 24.38
CA LEU A 412 22.38 18.40 25.81
C LEU A 412 23.89 18.35 25.98
N LYS A 413 24.42 19.26 26.79
CA LYS A 413 25.87 19.39 26.95
C LYS A 413 26.28 19.19 28.40
N GLY A 414 25.70 18.19 29.05
CA GLY A 414 26.06 17.84 30.40
C GLY A 414 25.05 18.35 31.40
N LEU A 415 24.11 17.50 31.77
CA LEU A 415 22.98 17.92 32.58
C LEU A 415 23.02 17.18 33.91
N ASN A 416 22.75 17.88 34.99
CA ASN A 416 22.80 17.29 36.33
C ASN A 416 21.51 17.63 37.05
N LEU A 417 20.55 16.70 36.99
CA LEU A 417 19.27 16.83 37.65
C LEU A 417 19.16 15.75 38.72
N LYS A 418 18.45 16.06 39.79
CA LYS A 418 18.27 15.12 40.89
C LYS A 418 16.87 15.26 41.44
N VAL A 419 16.05 14.24 41.27
CA VAL A 419 14.65 14.26 41.68
C VAL A 419 14.46 13.22 42.78
N GLN A 420 14.03 13.67 43.95
CA GLN A 420 13.77 12.76 45.05
C GLN A 420 12.36 12.19 44.96
N SER A 421 12.19 11.01 45.55
CA SER A 421 10.92 10.29 45.49
C SER A 421 9.87 10.99 46.34
N GLY A 422 8.89 11.61 45.69
CA GLY A 422 7.81 12.26 46.42
C GLY A 422 7.61 13.72 46.04
N GLN A 423 8.66 14.37 45.56
CA GLN A 423 8.59 15.76 45.17
C GLN A 423 8.55 15.87 43.65
N THR A 424 8.16 17.06 43.19
CA THR A 424 8.05 17.35 41.77
C THR A 424 9.03 18.45 41.36
N VAL A 425 9.45 18.41 40.11
CA VAL A 425 10.32 19.43 39.55
C VAL A 425 9.55 20.19 38.50
N ALA A 426 10.18 21.23 37.95
CA ALA A 426 9.53 22.08 36.97
C ALA A 426 10.60 22.68 36.07
N LEU A 427 10.57 22.32 34.79
CA LEU A 427 11.60 22.71 33.85
C LEU A 427 11.17 23.99 33.14
N VAL A 428 11.95 25.06 33.32
CA VAL A 428 11.71 26.32 32.67
C VAL A 428 12.89 26.61 31.75
N GLY A 429 12.74 27.61 30.91
CA GLY A 429 13.79 27.99 29.99
C GLY A 429 13.19 28.56 28.72
N SER A 430 14.04 28.65 27.70
CA SER A 430 13.64 29.19 26.41
C SER A 430 13.05 28.07 25.55
N SER A 431 12.76 28.38 24.29
CA SER A 431 12.26 27.38 23.36
C SER A 431 13.43 26.77 22.60
N GLY A 432 13.39 25.44 22.45
CA GLY A 432 14.43 24.75 21.72
C GLY A 432 15.67 24.46 22.53
N CYS A 433 15.54 24.32 23.85
CA CYS A 433 16.70 24.11 24.71
C CYS A 433 16.86 22.69 25.18
N GLY A 434 15.83 21.85 25.13
CA GLY A 434 16.01 20.46 25.51
C GLY A 434 15.09 19.92 26.59
N LYS A 435 13.91 20.50 26.76
CA LYS A 435 13.01 20.04 27.81
C LYS A 435 12.30 18.74 27.43
N SER A 436 11.71 18.70 26.24
CA SER A 436 11.11 17.44 25.81
C SER A 436 12.14 16.43 25.37
N THR A 437 13.37 16.85 25.05
CA THR A 437 14.45 15.89 24.89
C THR A 437 14.78 15.20 26.20
N THR A 438 14.78 15.97 27.30
CA THR A 438 14.93 15.41 28.64
C THR A 438 13.79 14.45 28.96
N VAL A 439 12.56 14.78 28.54
CA VAL A 439 11.44 13.87 28.75
C VAL A 439 11.57 12.61 27.91
N GLN A 440 12.07 12.74 26.68
CA GLN A 440 12.24 11.57 25.82
C GLN A 440 13.40 10.68 26.25
N LEU A 441 14.35 11.19 27.02
CA LEU A 441 15.43 10.31 27.48
C LEU A 441 15.08 9.55 28.76
N ILE A 442 14.01 9.92 29.47
CA ILE A 442 13.61 9.16 30.63
C ILE A 442 13.07 7.80 30.21
N GLN A 443 12.18 7.79 29.22
CA GLN A 443 11.52 6.57 28.78
C GLN A 443 12.32 5.78 27.77
N ARG A 444 13.58 6.15 27.55
CA ARG A 444 14.56 5.39 26.77
C ARG A 444 14.05 5.17 25.35
N LEU A 445 13.91 6.29 24.63
CA LEU A 445 13.68 6.23 23.20
C LEU A 445 14.99 6.36 22.43
N TYR A 446 15.97 6.99 23.06
CA TYR A 446 17.29 7.22 22.50
C TYR A 446 18.32 6.95 23.58
N ASP A 447 19.50 6.50 23.18
CA ASP A 447 20.50 6.42 24.24
C ASP A 447 21.41 7.63 24.20
N PRO A 448 21.75 8.20 25.37
CA PRO A 448 22.65 9.35 25.40
C PRO A 448 24.07 8.96 25.02
N ASP A 449 24.80 9.95 24.53
CA ASP A 449 26.11 9.68 23.94
C ASP A 449 27.17 9.43 24.99
N GLU A 450 27.30 10.33 25.95
CA GLU A 450 28.37 10.25 26.95
C GLU A 450 27.83 10.45 28.35
N GLY A 451 26.76 9.75 28.70
CA GLY A 451 26.20 9.94 30.01
C GLY A 451 25.47 8.75 30.57
N THR A 452 24.79 8.95 31.71
CA THR A 452 24.03 7.89 32.34
C THR A 452 22.81 8.50 33.03
N ILE A 453 21.74 7.71 33.10
CA ILE A 453 20.50 8.10 33.76
C ILE A 453 20.15 7.01 34.75
N ASN A 454 19.94 7.37 36.00
CA ASN A 454 19.72 6.39 37.06
C ASN A 454 18.31 6.52 37.63
N ILE A 455 17.70 5.39 37.94
CA ILE A 455 16.48 5.34 38.75
C ILE A 455 16.76 4.46 39.95
N ASP A 456 16.74 5.06 41.14
CA ASP A 456 17.07 4.43 42.42
C ASP A 456 18.46 3.79 42.37
N GLY A 457 19.44 4.57 41.92
CA GLY A 457 20.84 4.18 41.96
C GLY A 457 21.30 3.31 40.81
N GLN A 458 20.39 2.58 40.17
CA GLN A 458 20.73 1.63 39.13
C GLN A 458 20.34 2.17 37.76
N ASP A 459 21.12 1.79 36.76
CA ASP A 459 21.05 2.40 35.44
C ASP A 459 19.78 1.97 34.72
N ILE A 460 19.33 2.83 33.80
CA ILE A 460 18.15 2.53 32.99
C ILE A 460 18.48 1.51 31.91
N ARG A 461 19.73 1.45 31.46
CA ARG A 461 20.16 0.42 30.51
C ARG A 461 20.09 -0.99 31.10
N ASN A 462 19.96 -1.13 32.41
CA ASN A 462 19.85 -2.42 33.07
C ASN A 462 18.41 -2.88 33.20
N PHE A 463 17.44 -1.97 33.23
CA PHE A 463 16.05 -2.36 33.40
C PHE A 463 15.51 -2.99 32.13
N ASN A 464 14.39 -3.71 32.29
CA ASN A 464 13.64 -4.16 31.14
C ASN A 464 12.92 -2.96 30.55
N VAL A 465 12.96 -2.85 29.23
CA VAL A 465 12.45 -1.66 28.55
C VAL A 465 10.94 -1.57 28.70
N ASN A 466 10.24 -2.69 28.60
CA ASN A 466 8.81 -2.72 28.79
C ASN A 466 8.43 -2.39 30.23
N TYR A 467 9.21 -2.85 31.19
CA TYR A 467 8.91 -2.55 32.59
C TYR A 467 9.12 -1.08 32.91
N LEU A 468 10.15 -0.48 32.32
CA LEU A 468 10.39 0.95 32.47
C LEU A 468 9.26 1.78 31.86
N ARG A 469 8.95 1.52 30.59
CA ARG A 469 7.90 2.26 29.91
C ARG A 469 6.51 1.96 30.45
N GLU A 470 6.33 0.90 31.25
CA GLU A 470 5.06 0.71 31.92
C GLU A 470 5.01 1.33 33.31
N ILE A 471 6.14 1.48 34.00
CA ILE A 471 6.06 2.16 35.29
C ILE A 471 6.06 3.68 35.15
N ILE A 472 6.46 4.22 34.01
CA ILE A 472 6.39 5.67 33.84
C ILE A 472 5.33 6.03 32.80
N GLY A 473 4.68 7.17 33.00
CA GLY A 473 3.57 7.56 32.13
C GLY A 473 3.62 8.99 31.66
N VAL A 474 3.69 9.20 30.35
CA VAL A 474 3.98 10.50 29.78
C VAL A 474 2.69 11.17 29.35
N VAL A 475 2.77 12.48 29.14
CA VAL A 475 1.78 13.26 28.41
C VAL A 475 2.53 14.02 27.33
N SER A 476 2.17 13.80 26.07
CA SER A 476 2.89 14.45 24.99
C SER A 476 2.53 15.92 24.90
N GLN A 477 3.24 16.64 24.04
CA GLN A 477 3.06 18.08 23.97
C GLN A 477 1.77 18.46 23.26
N GLU A 478 1.65 18.05 21.99
CA GLU A 478 0.41 18.14 21.24
C GLU A 478 -0.09 16.71 21.08
N PRO A 479 -0.99 16.26 21.94
CA PRO A 479 -1.25 14.83 22.06
C PRO A 479 -2.08 14.28 20.92
N VAL A 480 -1.85 13.00 20.64
CA VAL A 480 -2.40 12.31 19.49
C VAL A 480 -3.22 11.14 19.99
N LEU A 481 -4.50 11.14 19.65
CA LEU A 481 -5.35 10.00 19.94
C LEU A 481 -5.34 9.03 18.77
N PHE A 482 -6.00 7.90 18.95
CA PHE A 482 -6.14 6.92 17.90
C PHE A 482 -7.56 6.95 17.35
N SER A 483 -7.73 6.36 16.17
CA SER A 483 -9.01 6.41 15.46
C SER A 483 -9.97 5.32 15.91
N THR A 484 -10.22 5.26 17.21
CA THR A 484 -11.19 4.36 17.82
C THR A 484 -11.99 5.22 18.79
N THR A 485 -12.69 4.58 19.72
CA THR A 485 -13.58 5.33 20.59
C THR A 485 -12.82 5.92 21.78
N ILE A 486 -13.57 6.67 22.60
CA ILE A 486 -12.99 7.34 23.76
C ILE A 486 -12.56 6.33 24.81
N ALA A 487 -13.45 5.39 25.14
CA ALA A 487 -13.11 4.35 26.10
C ALA A 487 -12.04 3.42 25.57
N GLU A 488 -11.92 3.28 24.25
CA GLU A 488 -10.84 2.49 23.70
C GLU A 488 -9.50 3.21 23.82
N ASN A 489 -9.49 4.54 23.73
CA ASN A 489 -8.23 5.27 23.96
C ASN A 489 -7.82 5.21 25.43
N ILE A 490 -8.79 5.35 26.33
CA ILE A 490 -8.50 5.24 27.75
C ILE A 490 -8.12 3.80 28.15
N CYS A 491 -8.61 2.80 27.41
CA CYS A 491 -8.17 1.41 27.61
C CYS A 491 -6.79 1.16 27.01
N TYR A 492 -6.44 1.85 25.93
CA TYR A 492 -5.05 1.86 25.45
C TYR A 492 -4.10 2.48 26.46
N GLY A 493 -4.60 3.34 27.33
CA GLY A 493 -3.86 3.80 28.49
C GLY A 493 -3.13 2.76 29.31
N ARG A 494 -3.82 1.75 29.84
CA ARG A 494 -3.20 0.69 30.60
C ARG A 494 -3.26 -0.66 29.90
N GLY A 495 -4.47 -1.13 29.56
CA GLY A 495 -4.61 -2.39 28.86
C GLY A 495 -5.65 -3.33 29.43
N ASN A 496 -5.77 -3.40 30.76
CA ASN A 496 -6.84 -4.16 31.43
C ASN A 496 -7.49 -3.27 32.50
N VAL A 497 -8.42 -2.44 32.06
CA VAL A 497 -9.08 -1.49 32.95
C VAL A 497 -10.55 -1.86 33.08
N THR A 498 -11.10 -1.67 34.27
CA THR A 498 -12.53 -1.75 34.47
C THR A 498 -13.15 -0.38 34.27
N MET A 499 -14.47 -0.33 34.21
CA MET A 499 -15.15 0.92 33.95
C MET A 499 -15.14 1.86 35.14
N ASP A 500 -14.95 1.34 36.36
CA ASP A 500 -14.75 2.17 37.54
C ASP A 500 -13.49 3.02 37.41
N GLU A 501 -12.40 2.40 36.94
CA GLU A 501 -11.13 3.11 36.76
C GLU A 501 -11.25 4.19 35.68
N ILE A 502 -11.95 3.86 34.58
CA ILE A 502 -12.13 4.82 33.49
C ILE A 502 -12.93 6.02 33.97
N LYS A 503 -14.04 5.80 34.68
CA LYS A 503 -14.87 6.92 35.10
C LYS A 503 -14.19 7.78 36.15
N LYS A 504 -13.41 7.17 37.06
CA LYS A 504 -12.69 7.98 38.04
C LYS A 504 -11.56 8.78 37.39
N ALA A 505 -10.83 8.18 36.45
CA ALA A 505 -9.76 8.92 35.80
C ALA A 505 -10.30 10.03 34.91
N VAL A 506 -11.47 9.81 34.31
CA VAL A 506 -12.09 10.84 33.48
C VAL A 506 -12.56 12.00 34.34
N LYS A 507 -13.15 11.71 35.51
CA LYS A 507 -13.49 12.79 36.44
C LYS A 507 -12.26 13.52 36.94
N GLU A 508 -11.16 12.78 37.11
CA GLU A 508 -9.95 13.38 37.66
C GLU A 508 -9.28 14.28 36.62
N ALA A 509 -9.46 13.97 35.34
CA ALA A 509 -8.98 14.79 34.25
C ALA A 509 -10.00 15.82 33.75
N ASN A 510 -11.19 15.86 34.37
CA ASN A 510 -12.27 16.82 34.08
C ASN A 510 -12.86 16.63 32.68
N ALA A 511 -12.92 15.41 32.19
CA ALA A 511 -13.50 15.14 30.89
C ALA A 511 -14.88 14.53 30.98
N TYR A 512 -15.53 14.62 32.13
CA TYR A 512 -16.71 13.80 32.36
C TYR A 512 -17.98 14.46 31.85
N GLU A 513 -18.04 15.79 31.93
CA GLU A 513 -19.26 16.51 31.59
C GLU A 513 -19.58 16.40 30.10
N PHE A 514 -18.59 16.51 29.22
CA PHE A 514 -18.94 16.44 27.82
C PHE A 514 -19.11 15.01 27.34
N ILE A 515 -18.50 14.03 28.00
CA ILE A 515 -18.76 12.65 27.63
C ILE A 515 -20.18 12.25 28.05
N MET A 516 -20.65 12.76 29.19
CA MET A 516 -22.07 12.58 29.51
C MET A 516 -22.97 13.38 28.58
N LYS A 517 -22.48 14.50 28.05
CA LYS A 517 -23.30 15.34 27.18
C LYS A 517 -23.49 14.74 25.81
N LEU A 518 -22.49 14.05 25.28
CA LEU A 518 -22.61 13.46 23.94
C LEU A 518 -23.56 12.25 23.98
N PRO A 519 -24.32 12.02 22.92
CA PRO A 519 -24.98 10.72 22.77
C PRO A 519 -23.96 9.68 22.37
N GLN A 520 -24.30 8.40 22.62
CA GLN A 520 -23.40 7.24 22.65
C GLN A 520 -22.11 7.58 23.40
N LYS A 521 -22.26 7.78 24.72
CA LYS A 521 -21.38 8.61 25.55
C LYS A 521 -19.91 8.24 25.45
N PHE A 522 -19.53 7.05 25.89
CA PHE A 522 -18.17 6.57 25.76
C PHE A 522 -17.93 5.79 24.48
N ASP A 523 -18.78 5.95 23.48
CA ASP A 523 -18.67 5.21 22.25
C ASP A 523 -18.56 6.13 21.04
N THR A 524 -18.45 7.44 21.25
CA THR A 524 -18.28 8.34 20.13
C THR A 524 -16.95 8.07 19.48
N LEU A 525 -16.96 7.84 18.18
CA LEU A 525 -15.72 7.62 17.45
C LEU A 525 -14.95 8.90 17.38
N VAL A 526 -13.82 8.92 18.09
CA VAL A 526 -12.80 9.93 17.87
C VAL A 526 -12.29 9.79 16.44
N GLY A 527 -12.10 10.91 15.78
CA GLY A 527 -11.64 10.86 14.41
C GLY A 527 -10.20 10.48 14.30
N GLU A 528 -9.72 10.47 13.05
CA GLU A 528 -8.32 10.20 12.80
C GLU A 528 -7.43 11.26 13.42
N ARG A 529 -6.54 10.83 14.31
CA ARG A 529 -5.66 11.65 15.14
C ARG A 529 -6.43 12.59 16.05
N GLY A 530 -7.66 12.24 16.40
CA GLY A 530 -8.44 13.10 17.25
C GLY A 530 -9.13 14.23 16.54
N ALA A 531 -9.19 14.21 15.21
CA ALA A 531 -9.70 15.34 14.45
C ALA A 531 -11.20 15.54 14.59
N GLN A 532 -11.93 14.58 15.15
CA GLN A 532 -13.34 14.77 15.44
C GLN A 532 -13.59 15.13 16.89
N LEU A 533 -12.64 15.83 17.51
CA LEU A 533 -12.82 16.45 18.81
C LEU A 533 -12.13 17.81 18.78
N SER A 534 -12.39 18.61 19.78
CA SER A 534 -11.80 19.94 19.86
C SER A 534 -10.39 19.84 20.44
N GLY A 535 -9.79 20.97 20.77
CA GLY A 535 -8.42 20.96 21.25
C GLY A 535 -8.30 20.82 22.74
N GLY A 536 -9.35 21.13 23.48
CA GLY A 536 -9.31 21.06 24.93
C GLY A 536 -10.06 19.86 25.46
N GLN A 537 -10.68 19.11 24.56
CA GLN A 537 -11.30 17.83 24.87
C GLN A 537 -10.37 16.69 24.58
N LYS A 538 -9.63 16.78 23.48
CA LYS A 538 -8.62 15.80 23.14
C LYS A 538 -7.52 15.75 24.18
N GLN A 539 -7.16 16.91 24.72
CA GLN A 539 -6.09 16.95 25.69
C GLN A 539 -6.52 16.46 27.06
N ARG A 540 -7.79 16.65 27.42
CA ARG A 540 -8.27 16.06 28.66
C ARG A 540 -8.45 14.55 28.53
N ILE A 541 -8.78 14.04 27.34
CA ILE A 541 -8.75 12.60 27.15
C ILE A 541 -7.33 12.06 27.21
N ALA A 542 -6.34 12.84 26.75
CA ALA A 542 -4.94 12.41 26.90
C ALA A 542 -4.48 12.41 28.36
N ILE A 543 -4.95 13.38 29.15
CA ILE A 543 -4.65 13.39 30.58
C ILE A 543 -5.27 12.18 31.28
N ALA A 544 -6.52 11.83 30.94
CA ALA A 544 -7.15 10.66 31.53
C ALA A 544 -6.47 9.37 31.08
N ARG A 545 -6.01 9.32 29.82
CA ARG A 545 -5.26 8.19 29.31
C ARG A 545 -3.98 7.97 30.08
N ALA A 546 -3.27 9.04 30.42
CA ALA A 546 -2.05 8.89 31.20
C ALA A 546 -2.36 8.58 32.66
N LEU A 547 -3.52 9.00 33.17
CA LEU A 547 -3.79 8.79 34.59
C LEU A 547 -4.30 7.39 34.91
N VAL A 548 -4.89 6.68 33.94
CA VAL A 548 -5.35 5.31 34.25
C VAL A 548 -4.21 4.36 34.55
N ARG A 549 -2.99 4.70 34.15
CA ARG A 549 -1.86 3.82 34.36
C ARG A 549 -1.46 3.75 35.82
N ASN A 550 -1.75 4.81 36.59
CA ASN A 550 -1.22 5.09 37.92
C ASN A 550 0.29 4.96 37.94
N PRO A 551 1.03 5.86 37.31
CA PRO A 551 2.47 5.68 37.21
C PRO A 551 3.18 6.12 38.49
N LYS A 552 4.42 5.67 38.62
CA LYS A 552 5.27 6.16 39.69
C LYS A 552 6.04 7.40 39.28
N ILE A 553 6.27 7.59 37.99
CA ILE A 553 6.93 8.77 37.45
C ILE A 553 6.02 9.34 36.38
N LEU A 554 5.50 10.55 36.61
CA LEU A 554 4.57 11.20 35.70
C LEU A 554 5.27 12.32 34.97
N LEU A 555 5.11 12.39 33.65
CA LEU A 555 5.78 13.41 32.85
C LEU A 555 4.72 14.27 32.18
N LEU A 556 4.74 15.56 32.46
CA LEU A 556 3.72 16.50 31.98
C LEU A 556 4.37 17.53 31.07
N ASP A 557 4.26 17.33 29.76
CA ASP A 557 4.86 18.20 28.77
C ASP A 557 3.76 19.12 28.22
N GLN A 558 3.50 20.19 28.97
CA GLN A 558 2.45 21.18 28.69
C GLN A 558 1.08 20.53 28.56
N ALA A 559 0.64 19.92 29.65
CA ALA A 559 -0.62 19.19 29.64
C ALA A 559 -1.84 20.09 29.65
N THR A 560 -1.68 21.37 29.96
CA THR A 560 -2.82 22.28 29.97
C THR A 560 -2.59 23.43 28.99
N SER A 561 -2.11 23.11 27.79
CA SER A 561 -1.80 24.16 26.82
C SER A 561 -3.00 24.65 26.05
N ALA A 562 -4.09 23.86 25.99
CA ALA A 562 -5.27 24.26 25.26
C ALA A 562 -6.52 24.28 26.12
N LEU A 563 -6.37 24.40 27.43
CA LEU A 563 -7.50 24.45 28.34
C LEU A 563 -7.68 25.87 28.86
N ASP A 564 -8.94 26.25 29.10
CA ASP A 564 -9.20 27.56 29.70
C ASP A 564 -8.89 27.52 31.19
N THR A 565 -8.97 28.71 31.81
CA THR A 565 -8.38 28.92 33.13
C THR A 565 -9.11 28.14 34.22
N GLU A 566 -10.42 28.03 34.12
CA GLU A 566 -11.19 27.28 35.11
C GLU A 566 -10.90 25.79 35.04
N SER A 567 -10.80 25.24 33.83
CA SER A 567 -10.45 23.83 33.69
C SER A 567 -9.00 23.58 34.08
N GLU A 568 -8.11 24.53 33.83
CA GLU A 568 -6.74 24.40 34.31
C GLU A 568 -6.68 24.39 35.83
N ALA A 569 -7.52 25.19 36.47
CA ALA A 569 -7.60 25.20 37.93
C ALA A 569 -8.10 23.86 38.46
N GLU A 570 -9.12 23.29 37.84
CA GLU A 570 -9.64 22.01 38.31
C GLU A 570 -8.65 20.87 38.06
N VAL A 571 -8.00 20.86 36.90
CA VAL A 571 -7.03 19.81 36.58
C VAL A 571 -5.81 19.90 37.50
N GLN A 572 -5.30 21.12 37.75
CA GLN A 572 -4.16 21.25 38.63
C GLN A 572 -4.53 20.96 40.08
N ALA A 573 -5.77 21.25 40.49
CA ALA A 573 -6.18 20.88 41.83
C ALA A 573 -6.29 19.37 42.00
N ALA A 574 -6.79 18.67 40.98
CA ALA A 574 -6.86 17.21 41.05
C ALA A 574 -5.47 16.57 41.06
N LEU A 575 -4.57 17.04 40.17
CA LEU A 575 -3.22 16.52 40.14
C LEU A 575 -2.45 16.84 41.42
N ASP A 576 -2.68 18.01 42.01
CA ASP A 576 -1.99 18.37 43.23
C ASP A 576 -2.51 17.55 44.41
N LYS A 577 -3.81 17.28 44.44
CA LYS A 577 -4.37 16.48 45.52
C LYS A 577 -3.93 15.03 45.42
N ALA A 578 -3.61 14.56 44.20
CA ALA A 578 -3.34 13.13 44.02
C ALA A 578 -1.97 12.71 44.54
N ARG A 579 -0.99 13.62 44.57
CA ARG A 579 0.39 13.18 44.76
C ARG A 579 0.65 12.77 46.21
N GLU A 580 1.08 11.52 46.38
CA GLU A 580 1.55 11.00 47.65
C GLU A 580 2.95 10.41 47.52
N GLY A 581 3.18 9.59 46.50
CA GLY A 581 4.46 8.95 46.33
C GLY A 581 4.92 8.86 44.88
N ARG A 582 4.47 9.75 44.01
CA ARG A 582 4.97 9.80 42.65
C ARG A 582 5.71 11.09 42.37
N THR A 583 6.78 10.99 41.60
CA THR A 583 7.49 12.16 41.13
C THR A 583 6.88 12.65 39.83
N THR A 584 6.96 13.95 39.61
CA THR A 584 6.35 14.58 38.46
C THR A 584 7.34 15.54 37.84
N ILE A 585 7.47 15.49 36.53
CA ILE A 585 8.22 16.49 35.77
C ILE A 585 7.21 17.35 35.03
N VAL A 586 7.22 18.65 35.32
CA VAL A 586 6.26 19.59 34.78
C VAL A 586 6.98 20.52 33.82
N ILE A 587 6.52 20.56 32.58
CA ILE A 587 6.89 21.63 31.65
C ILE A 587 5.69 22.56 31.56
N ALA A 588 5.80 23.72 32.17
CA ALA A 588 4.65 24.58 32.41
C ALA A 588 4.44 25.56 31.26
N HIS A 589 3.20 25.61 30.77
CA HIS A 589 2.82 26.67 29.84
C HIS A 589 2.75 28.01 30.58
N ARG A 590 2.04 28.04 31.69
CA ARG A 590 1.93 29.22 32.53
C ARG A 590 2.97 29.19 33.64
N LEU A 591 3.59 30.34 33.89
CA LEU A 591 4.53 30.45 35.00
C LEU A 591 3.88 30.93 36.28
N SER A 592 2.55 30.85 36.38
CA SER A 592 1.88 31.12 37.64
C SER A 592 1.66 29.86 38.45
N THR A 593 1.64 28.70 37.79
CA THR A 593 1.55 27.41 38.45
C THR A 593 2.90 26.70 38.52
N VAL A 594 3.97 27.35 38.08
CA VAL A 594 5.30 26.80 38.26
C VAL A 594 5.79 27.03 39.68
N ARG A 595 5.16 27.92 40.42
CA ARG A 595 5.56 28.25 41.79
C ARG A 595 5.19 27.16 42.78
N ASN A 596 4.30 26.26 42.42
CA ASN A 596 3.94 25.12 43.27
C ASN A 596 4.81 23.90 42.95
N ALA A 597 6.12 24.11 42.94
CA ALA A 597 7.07 23.05 42.67
C ALA A 597 8.20 23.14 43.68
N ASP A 598 8.68 21.98 44.11
CA ASP A 598 9.72 21.96 45.13
C ASP A 598 11.09 22.28 44.54
N VAL A 599 11.33 21.89 43.30
CA VAL A 599 12.56 22.16 42.59
C VAL A 599 12.21 22.79 41.25
N ILE A 600 12.96 23.81 40.84
CA ILE A 600 12.81 24.43 39.53
C ILE A 600 14.15 24.34 38.83
N ALA A 601 14.15 23.83 37.60
CA ALA A 601 15.37 23.68 36.83
C ALA A 601 15.33 24.61 35.62
N GLY A 602 16.43 25.31 35.36
CA GLY A 602 16.51 26.24 34.24
C GLY A 602 17.62 25.82 33.28
N PHE A 603 17.30 25.84 31.99
CA PHE A 603 18.25 25.41 30.97
C PHE A 603 18.92 26.62 30.36
N GLU A 604 20.25 26.57 30.27
CA GLU A 604 21.04 27.57 29.56
C GLU A 604 22.10 26.81 28.78
N ASP A 605 21.94 26.72 27.46
CA ASP A 605 22.77 25.93 26.56
C ASP A 605 22.81 24.46 26.97
N GLY A 606 21.65 23.92 27.37
CA GLY A 606 21.52 22.51 27.64
C GLY A 606 22.12 22.00 28.93
N VAL A 607 22.46 22.88 29.87
CA VAL A 607 22.97 22.47 31.17
C VAL A 607 22.08 23.07 32.24
N ILE A 608 22.31 22.66 33.49
CA ILE A 608 21.61 23.23 34.64
C ILE A 608 22.54 24.23 35.31
N VAL A 609 22.14 25.49 35.28
CA VAL A 609 22.83 26.57 35.99
C VAL A 609 21.98 27.18 37.08
N GLU A 610 20.82 26.62 37.36
CA GLU A 610 19.78 27.35 38.07
C GLU A 610 18.82 26.33 38.65
N GLN A 611 18.87 26.12 39.96
CA GLN A 611 18.12 25.05 40.59
C GLN A 611 17.84 25.41 42.04
N GLY A 612 16.60 25.20 42.47
CA GLY A 612 16.19 25.53 43.82
C GLY A 612 14.70 25.80 43.88
N SER A 613 14.28 26.45 44.96
CA SER A 613 12.89 26.79 45.17
C SER A 613 12.58 28.16 44.56
N HIS A 614 11.34 28.64 44.80
CA HIS A 614 10.88 29.86 44.15
C HIS A 614 11.61 31.09 44.67
N SER A 615 11.60 31.31 45.99
CA SER A 615 12.30 32.45 46.55
C SER A 615 13.80 32.30 46.45
N GLU A 616 14.29 31.06 46.51
CA GLU A 616 15.72 30.77 46.36
C GLU A 616 16.23 31.17 44.98
N LEU A 617 15.42 30.96 43.94
CA LEU A 617 15.81 31.37 42.61
C LEU A 617 15.34 32.77 42.25
N MET A 618 14.49 33.38 43.08
CA MET A 618 14.09 34.76 42.87
C MET A 618 15.10 35.73 43.45
N LYS A 619 15.75 35.38 44.56
CA LYS A 619 16.81 36.23 45.09
C LYS A 619 18.17 35.93 44.46
N LYS A 620 18.24 35.04 43.49
CA LYS A 620 19.52 34.64 42.92
C LYS A 620 19.89 35.46 41.68
N GLU A 621 18.91 36.12 41.06
CA GLU A 621 19.03 36.86 39.80
C GLU A 621 19.52 35.94 38.67
N GLY A 622 18.69 34.94 38.36
CA GLY A 622 19.02 33.99 37.32
C GLY A 622 18.11 34.07 36.11
N VAL A 623 17.86 32.92 35.47
CA VAL A 623 17.04 32.88 34.26
C VAL A 623 15.56 32.97 34.63
N TYR A 624 15.18 32.35 35.75
CA TYR A 624 13.79 32.36 36.21
C TYR A 624 13.32 33.75 36.58
N PHE A 625 14.25 34.57 37.08
CA PHE A 625 13.98 35.99 37.34
C PHE A 625 13.51 36.71 36.07
N LYS A 626 14.24 36.52 34.97
CA LYS A 626 13.90 37.17 33.71
C LYS A 626 12.59 36.66 33.16
N LEU A 627 12.33 35.37 33.30
CA LEU A 627 11.07 34.81 32.84
C LEU A 627 9.88 35.33 33.64
N VAL A 628 10.04 35.50 34.95
CA VAL A 628 8.96 36.03 35.78
C VAL A 628 8.72 37.50 35.48
N ASN A 629 9.78 38.28 35.31
CA ASN A 629 9.58 39.68 34.93
C ASN A 629 9.32 39.81 33.44
N VAL A 692 -22.70 -0.74 -5.46
CA VAL A 692 -21.56 -0.69 -6.36
C VAL A 692 -21.93 -1.35 -7.69
N PRO A 693 -22.18 -0.55 -8.72
CA PRO A 693 -22.60 -1.09 -10.01
C PRO A 693 -21.45 -1.77 -10.72
N PRO A 694 -21.68 -2.93 -11.31
CA PRO A 694 -20.61 -3.58 -12.08
C PRO A 694 -20.32 -2.80 -13.36
N VAL A 695 -19.08 -2.95 -13.83
CA VAL A 695 -18.57 -2.21 -14.98
C VAL A 695 -18.01 -3.21 -15.97
N SER A 696 -18.44 -3.10 -17.23
CA SER A 696 -17.90 -3.94 -18.30
C SER A 696 -16.43 -3.61 -18.53
N PHE A 697 -15.68 -4.61 -18.98
CA PHE A 697 -14.24 -4.43 -19.08
C PHE A 697 -13.85 -3.63 -20.32
N LEU A 698 -14.75 -3.55 -21.30
CA LEU A 698 -14.54 -2.62 -22.39
C LEU A 698 -14.75 -1.18 -21.96
N LYS A 699 -15.45 -0.92 -20.85
CA LYS A 699 -15.46 0.44 -20.34
C LYS A 699 -14.10 0.84 -19.78
N VAL A 700 -13.34 -0.12 -19.27
CA VAL A 700 -11.99 0.14 -18.81
C VAL A 700 -11.05 0.30 -20.00
N LEU A 701 -11.20 -0.56 -21.00
CA LEU A 701 -10.37 -0.44 -22.20
C LEU A 701 -10.87 0.66 -23.16
N LYS A 702 -11.92 1.37 -22.80
CA LYS A 702 -12.33 2.57 -23.52
C LYS A 702 -11.41 3.75 -23.18
N LEU A 703 -10.65 3.67 -22.10
CA LEU A 703 -9.76 4.76 -21.72
C LEU A 703 -8.53 4.84 -22.61
N ASN A 704 -8.01 3.72 -23.08
CA ASN A 704 -6.87 3.74 -23.98
C ASN A 704 -7.32 3.56 -25.43
N LYS A 705 -8.08 4.55 -25.90
CA LYS A 705 -8.42 4.65 -27.31
C LYS A 705 -7.25 5.10 -28.16
N THR A 706 -6.27 5.79 -27.57
CA THR A 706 -5.26 6.47 -28.37
C THR A 706 -4.25 5.49 -28.96
N GLU A 707 -3.99 4.39 -28.26
CA GLU A 707 -3.09 3.34 -28.74
C GLU A 707 -3.85 2.13 -29.28
N TRP A 708 -4.91 2.40 -30.03
CA TRP A 708 -5.49 1.36 -30.90
C TRP A 708 -4.53 0.70 -31.90
N PRO A 709 -3.48 1.34 -32.47
CA PRO A 709 -2.59 0.53 -33.32
C PRO A 709 -1.79 -0.48 -32.55
N TYR A 710 -1.57 -0.24 -31.26
CA TYR A 710 -0.92 -1.23 -30.42
C TYR A 710 -1.80 -2.47 -30.24
N PHE A 711 -3.09 -2.27 -29.99
CA PHE A 711 -3.96 -3.44 -29.87
C PHE A 711 -4.17 -4.14 -31.21
N VAL A 712 -4.12 -3.41 -32.33
CA VAL A 712 -4.24 -4.05 -33.64
C VAL A 712 -3.04 -4.94 -33.92
N VAL A 713 -1.82 -4.42 -33.71
CA VAL A 713 -0.62 -5.20 -34.01
C VAL A 713 -0.48 -6.37 -33.03
N GLY A 714 -0.83 -6.15 -31.76
CA GLY A 714 -0.82 -7.25 -30.81
C GLY A 714 -1.82 -8.35 -31.13
N THR A 715 -3.01 -7.97 -31.59
CA THR A 715 -4.02 -8.98 -31.89
C THR A 715 -3.70 -9.74 -33.18
N VAL A 716 -3.16 -9.06 -34.20
CA VAL A 716 -2.82 -9.79 -35.42
C VAL A 716 -1.61 -10.71 -35.20
N CYS A 717 -0.65 -10.30 -34.36
CA CYS A 717 0.46 -11.20 -34.08
C CYS A 717 0.04 -12.33 -33.14
N ALA A 718 -0.93 -12.09 -32.27
CA ALA A 718 -1.41 -13.16 -31.41
C ALA A 718 -2.18 -14.21 -32.19
N ILE A 719 -2.95 -13.80 -33.19
CA ILE A 719 -3.62 -14.76 -34.06
C ILE A 719 -2.60 -15.54 -34.89
N ALA A 720 -1.64 -14.83 -35.50
CA ALA A 720 -0.64 -15.51 -36.33
C ALA A 720 0.34 -16.37 -35.53
N ASN A 721 0.41 -16.21 -34.21
CA ASN A 721 1.22 -17.09 -33.37
C ASN A 721 0.42 -18.24 -32.78
N GLY A 722 -0.83 -18.00 -32.37
CA GLY A 722 -1.63 -19.07 -31.81
C GLY A 722 -2.11 -20.06 -32.85
N GLY A 723 -2.23 -19.62 -34.10
CA GLY A 723 -2.75 -20.52 -35.12
C GLY A 723 -1.76 -21.59 -35.55
N LEU A 724 -0.49 -21.42 -35.23
CA LEU A 724 0.54 -22.25 -35.84
C LEU A 724 0.65 -23.62 -35.16
N GLN A 725 0.35 -23.70 -33.87
CA GLN A 725 0.37 -25.00 -33.18
C GLN A 725 -0.59 -26.04 -33.76
N PRO A 726 -1.87 -25.75 -34.08
CA PRO A 726 -2.67 -26.79 -34.72
C PRO A 726 -2.33 -27.03 -36.17
N ALA A 727 -1.60 -26.13 -36.83
CA ALA A 727 -1.29 -26.32 -38.24
C ALA A 727 -0.22 -27.39 -38.45
N PHE A 728 0.46 -27.78 -37.37
CA PHE A 728 1.47 -28.83 -37.48
C PHE A 728 0.87 -30.19 -37.77
N SER A 729 -0.42 -30.39 -37.48
CA SER A 729 -1.07 -31.63 -37.89
C SER A 729 -1.08 -31.74 -39.41
N VAL A 730 -1.47 -30.68 -40.11
CA VAL A 730 -1.47 -30.67 -41.58
C VAL A 730 -0.06 -30.81 -42.12
N ILE A 731 0.92 -30.21 -41.43
CA ILE A 731 2.32 -30.40 -41.83
C ILE A 731 2.74 -31.86 -41.67
N PHE A 732 2.31 -32.53 -40.59
CA PHE A 732 2.62 -33.94 -40.39
C PHE A 732 1.92 -34.82 -41.41
N SER A 733 0.69 -34.47 -41.78
CA SER A 733 -0.02 -35.19 -42.83
C SER A 733 0.72 -35.10 -44.16
N GLU A 734 1.27 -33.93 -44.46
CA GLU A 734 2.06 -33.81 -45.68
C GLU A 734 3.39 -34.54 -45.58
N ILE A 735 3.97 -34.65 -44.38
CA ILE A 735 5.21 -35.42 -44.21
C ILE A 735 4.96 -36.92 -44.40
N ILE A 736 3.89 -37.44 -43.80
CA ILE A 736 3.56 -38.86 -43.95
C ILE A 736 3.19 -39.17 -45.39
N ALA A 737 2.51 -38.24 -46.06
CA ALA A 737 2.21 -38.44 -47.48
C ALA A 737 3.44 -38.29 -48.36
N ILE A 738 4.44 -37.53 -47.93
CA ILE A 738 5.59 -37.31 -48.79
C ILE A 738 6.63 -38.41 -48.62
N PHE A 739 6.57 -39.16 -47.51
CA PHE A 739 7.39 -40.38 -47.40
C PHE A 739 6.57 -41.56 -47.92
N GLY A 740 6.56 -41.70 -49.23
CA GLY A 740 5.95 -42.82 -49.89
C GLY A 740 6.91 -43.43 -50.90
N PRO A 741 6.42 -44.34 -51.74
CA PRO A 741 7.29 -44.98 -52.73
C PRO A 741 7.63 -44.03 -53.87
N GLY A 742 8.93 -43.79 -54.05
CA GLY A 742 9.42 -42.92 -55.10
C GLY A 742 10.80 -43.32 -55.59
N ASP A 743 11.46 -42.44 -56.33
CA ASP A 743 12.79 -42.73 -56.88
C ASP A 743 13.91 -42.29 -55.94
N ASP A 744 13.57 -41.73 -54.78
CA ASP A 744 14.43 -41.38 -53.65
C ASP A 744 15.41 -40.24 -53.94
N ALA A 745 15.46 -39.74 -55.16
CA ALA A 745 16.21 -38.54 -55.47
C ALA A 745 15.34 -37.30 -55.39
N VAL A 746 14.03 -37.47 -55.35
CA VAL A 746 13.11 -36.35 -55.26
C VAL A 746 12.68 -36.09 -53.82
N LYS A 747 12.64 -37.13 -52.98
CA LYS A 747 12.17 -36.96 -51.61
C LYS A 747 13.18 -36.20 -50.75
N GLN A 748 14.47 -36.35 -51.03
CA GLN A 748 15.47 -35.55 -50.34
C GLN A 748 15.34 -34.08 -50.71
N GLN A 749 15.08 -33.81 -51.99
CA GLN A 749 14.96 -32.43 -52.44
C GLN A 749 13.67 -31.79 -51.98
N LYS A 750 12.65 -32.59 -51.68
CA LYS A 750 11.43 -32.02 -51.09
C LYS A 750 11.59 -31.83 -49.58
N CYS A 751 12.29 -32.74 -48.92
CA CYS A 751 12.43 -32.62 -47.48
C CYS A 751 13.39 -31.49 -47.10
N ASN A 752 14.33 -31.15 -48.00
CA ASN A 752 15.14 -29.95 -47.80
C ASN A 752 14.29 -28.69 -47.86
N ILE A 753 13.29 -28.66 -48.74
CA ILE A 753 12.34 -27.55 -48.81
C ILE A 753 11.56 -27.44 -47.51
N PHE A 754 11.15 -28.57 -46.95
CA PHE A 754 10.48 -28.54 -45.64
C PHE A 754 11.39 -28.02 -44.53
N SER A 755 12.68 -28.35 -44.56
CA SER A 755 13.58 -27.87 -43.52
C SER A 755 13.82 -26.37 -43.63
N LEU A 756 13.93 -25.84 -44.86
CA LEU A 756 14.01 -24.39 -45.04
C LEU A 756 12.74 -23.69 -44.55
N ILE A 757 11.59 -24.34 -44.75
CA ILE A 757 10.32 -23.79 -44.26
C ILE A 757 10.31 -23.71 -42.74
N PHE A 758 10.84 -24.73 -42.06
CA PHE A 758 10.89 -24.68 -40.59
C PHE A 758 11.85 -23.60 -40.09
N LEU A 759 12.97 -23.39 -40.79
CA LEU A 759 13.92 -22.35 -40.39
C LEU A 759 13.32 -20.95 -40.53
N PHE A 760 12.69 -20.67 -41.68
CA PHE A 760 12.08 -19.36 -41.89
C PHE A 760 10.89 -19.15 -40.96
N LEU A 761 10.18 -20.23 -40.64
CA LEU A 761 9.10 -20.14 -39.66
C LEU A 761 9.63 -19.80 -38.28
N GLY A 762 10.84 -20.28 -37.96
CA GLY A 762 11.47 -19.90 -36.69
C GLY A 762 11.81 -18.42 -36.61
N ILE A 763 12.37 -17.87 -37.69
CA ILE A 763 12.72 -16.44 -37.71
C ILE A 763 11.47 -15.56 -37.57
N ILE A 764 10.44 -15.87 -38.36
CA ILE A 764 9.20 -15.09 -38.30
C ILE A 764 8.51 -15.25 -36.96
N SER A 765 8.64 -16.41 -36.30
CA SER A 765 8.05 -16.59 -34.99
C SER A 765 8.76 -15.77 -33.92
N PHE A 766 10.09 -15.62 -34.04
CA PHE A 766 10.84 -14.70 -33.18
C PHE A 766 10.28 -13.29 -33.26
N PHE A 767 10.13 -12.78 -34.49
CA PHE A 767 9.62 -11.41 -34.67
C PHE A 767 8.19 -11.26 -34.15
N THR A 768 7.32 -12.25 -34.40
CA THR A 768 5.92 -12.10 -34.02
C THR A 768 5.70 -12.23 -32.52
N PHE A 769 6.43 -13.14 -31.85
CA PHE A 769 6.32 -13.23 -30.39
C PHE A 769 6.81 -11.96 -29.71
N PHE A 770 7.94 -11.41 -30.18
CA PHE A 770 8.43 -10.16 -29.62
C PHE A 770 7.44 -9.02 -29.83
N LEU A 771 6.86 -8.92 -31.03
CA LEU A 771 5.94 -7.82 -31.32
C LEU A 771 4.68 -7.89 -30.48
N GLN A 772 4.06 -9.08 -30.37
CA GLN A 772 2.81 -9.17 -29.60
C GLN A 772 3.04 -8.88 -28.12
N GLY A 773 4.15 -9.36 -27.55
CA GLY A 773 4.35 -9.17 -26.13
C GLY A 773 4.73 -7.74 -25.79
N PHE A 774 5.69 -7.18 -26.53
CA PHE A 774 6.14 -5.79 -26.29
C PHE A 774 4.99 -4.81 -26.54
N THR A 775 4.23 -5.05 -27.61
CA THR A 775 3.09 -4.16 -27.99
C THR A 775 1.99 -4.17 -26.92
N PHE A 776 1.63 -5.35 -26.41
CA PHE A 776 0.59 -5.48 -25.36
C PHE A 776 1.06 -4.90 -24.03
N GLY A 777 2.34 -5.10 -23.70
CA GLY A 777 2.95 -4.64 -22.46
C GLY A 777 3.04 -3.13 -22.39
N LYS A 778 3.45 -2.49 -23.51
CA LYS A 778 3.52 -1.03 -23.58
C LYS A 778 2.14 -0.39 -23.41
N ALA A 779 1.10 -0.96 -24.05
CA ALA A 779 -0.25 -0.42 -23.89
C ALA A 779 -0.75 -0.57 -22.46
N GLY A 780 -0.42 -1.68 -21.80
CA GLY A 780 -0.83 -1.86 -20.42
C GLY A 780 -0.15 -0.89 -19.45
N GLU A 781 1.13 -0.57 -19.71
CA GLU A 781 1.82 0.39 -18.87
C GLU A 781 1.22 1.79 -19.00
N ILE A 782 0.84 2.18 -20.22
CA ILE A 782 0.22 3.49 -20.41
C ILE A 782 -1.13 3.58 -19.68
N LEU A 783 -1.94 2.53 -19.79
CA LEU A 783 -3.23 2.53 -19.09
C LEU A 783 -3.06 2.56 -17.58
N THR A 784 -2.04 1.88 -17.05
CA THR A 784 -1.84 1.86 -15.60
C THR A 784 -1.42 3.24 -15.09
N ARG A 785 -0.56 3.93 -15.85
CA ARG A 785 -0.15 5.28 -15.46
C ARG A 785 -1.33 6.25 -15.45
N ARG A 786 -2.19 6.17 -16.47
CA ARG A 786 -3.38 7.01 -16.50
C ARG A 786 -4.35 6.68 -15.36
N LEU A 787 -4.53 5.39 -15.06
CA LEU A 787 -5.48 5.02 -14.01
C LEU A 787 -5.00 5.45 -12.64
N ARG A 788 -3.69 5.35 -12.37
CA ARG A 788 -3.19 5.76 -11.06
C ARG A 788 -3.29 7.27 -10.86
N SER A 789 -2.93 8.06 -11.88
CA SER A 789 -3.04 9.50 -11.72
C SER A 789 -4.50 9.97 -11.69
N MET A 790 -5.39 9.32 -12.45
CA MET A 790 -6.81 9.66 -12.36
C MET A 790 -7.40 9.32 -11.01
N ALA A 791 -6.96 8.21 -10.40
CA ALA A 791 -7.48 7.83 -9.09
C ALA A 791 -7.01 8.79 -8.01
N PHE A 792 -5.75 9.23 -8.05
CA PHE A 792 -5.31 10.17 -7.03
C PHE A 792 -5.87 11.56 -7.25
N LYS A 793 -6.02 11.99 -8.51
CA LYS A 793 -6.60 13.29 -8.81
C LYS A 793 -8.07 13.34 -8.41
N ALA A 794 -8.80 12.25 -8.63
CA ALA A 794 -10.18 12.18 -8.18
C ALA A 794 -10.31 11.89 -6.70
N MET A 795 -9.24 11.50 -6.01
CA MET A 795 -9.30 11.35 -4.57
C MET A 795 -8.96 12.64 -3.83
N LEU A 796 -8.19 13.53 -4.46
CA LEU A 796 -7.92 14.86 -3.90
C LEU A 796 -9.06 15.86 -4.13
N ARG A 797 -10.24 15.42 -4.53
CA ARG A 797 -11.30 16.29 -5.01
C ARG A 797 -12.49 16.38 -4.07
N GLN A 798 -12.71 15.37 -3.23
CA GLN A 798 -13.91 15.37 -2.42
C GLN A 798 -13.75 16.23 -1.17
N ASP A 799 -14.89 16.63 -0.62
CA ASP A 799 -14.90 17.55 0.50
C ASP A 799 -14.58 16.83 1.80
N MET A 800 -14.62 17.57 2.91
CA MET A 800 -14.20 17.02 4.19
C MET A 800 -15.19 16.06 4.80
N SER A 801 -16.45 16.02 4.34
CA SER A 801 -17.35 15.00 4.87
C SER A 801 -16.99 13.61 4.35
N TRP A 802 -16.42 13.54 3.14
CA TRP A 802 -15.97 12.26 2.61
C TRP A 802 -14.77 11.74 3.38
N PHE A 803 -13.95 12.63 3.93
CA PHE A 803 -12.82 12.21 4.76
C PHE A 803 -13.20 12.01 6.20
N ASP A 804 -14.26 12.67 6.67
CA ASP A 804 -14.80 12.41 7.99
C ASP A 804 -15.65 11.15 8.07
N ASP A 805 -16.03 10.58 6.93
CA ASP A 805 -16.64 9.25 6.94
C ASP A 805 -15.64 8.24 7.50
N HIS A 806 -16.12 7.39 8.39
CA HIS A 806 -15.24 6.53 9.18
C HIS A 806 -14.69 5.35 8.40
N LYS A 807 -15.25 5.07 7.23
CA LYS A 807 -14.64 4.09 6.34
C LYS A 807 -13.42 4.64 5.64
N ASN A 808 -13.31 5.97 5.54
CA ASN A 808 -12.25 6.62 4.79
C ASN A 808 -11.17 7.13 5.75
N SER A 809 -10.32 6.22 6.18
CA SER A 809 -9.09 6.59 6.87
C SER A 809 -7.96 6.61 5.86
N THR A 810 -6.82 7.19 6.24
CA THR A 810 -5.74 7.25 5.26
C THR A 810 -5.09 5.89 5.05
N GLY A 811 -5.23 4.96 5.99
CA GLY A 811 -4.78 3.61 5.74
C GLY A 811 -5.63 2.91 4.72
N ALA A 812 -6.95 3.07 4.81
CA ALA A 812 -7.85 2.54 3.80
C ALA A 812 -7.60 3.18 2.44
N LEU A 813 -7.44 4.50 2.40
CA LEU A 813 -7.22 5.21 1.15
C LEU A 813 -5.86 4.94 0.54
N SER A 814 -4.86 4.55 1.34
CA SER A 814 -3.57 4.20 0.79
C SER A 814 -3.43 2.73 0.47
N THR A 815 -4.32 1.87 0.98
CA THR A 815 -4.44 0.53 0.42
C THR A 815 -5.21 0.52 -0.89
N ARG A 816 -6.19 1.42 -1.07
CA ARG A 816 -6.98 1.42 -2.31
C ARG A 816 -6.13 1.79 -3.51
N LEU A 817 -5.25 2.79 -3.37
CA LEU A 817 -4.41 3.21 -4.47
C LEU A 817 -3.38 2.17 -4.85
N ALA A 818 -2.99 1.32 -3.90
CA ALA A 818 -2.05 0.24 -4.19
C ALA A 818 -2.73 -1.03 -4.67
N THR A 819 -4.01 -1.25 -4.34
CA THR A 819 -4.66 -2.46 -4.79
C THR A 819 -5.34 -2.33 -6.15
N ASP A 820 -6.10 -1.26 -6.39
CA ASP A 820 -7.05 -1.28 -7.50
C ASP A 820 -6.35 -1.25 -8.86
N ALA A 821 -5.42 -0.32 -9.06
CA ALA A 821 -4.73 -0.25 -10.34
C ALA A 821 -3.78 -1.42 -10.54
N ALA A 822 -3.27 -2.00 -9.46
CA ALA A 822 -2.41 -3.17 -9.58
C ALA A 822 -3.19 -4.40 -10.01
N GLN A 823 -4.40 -4.58 -9.45
CA GLN A 823 -5.27 -5.67 -9.86
C GLN A 823 -5.78 -5.48 -11.28
N VAL A 824 -5.95 -4.25 -11.75
CA VAL A 824 -6.30 -4.05 -13.15
C VAL A 824 -5.11 -4.37 -14.06
N GLN A 825 -3.90 -3.97 -13.65
CA GLN A 825 -2.71 -4.19 -14.47
C GLN A 825 -2.39 -5.66 -14.61
N GLY A 826 -2.65 -6.45 -13.56
CA GLY A 826 -2.34 -7.88 -13.60
C GLY A 826 -3.14 -8.66 -14.62
N ALA A 827 -4.32 -8.17 -14.98
CA ALA A 827 -5.11 -8.78 -16.03
C ALA A 827 -5.07 -8.01 -17.34
N THR A 828 -4.50 -6.81 -17.36
CA THR A 828 -4.46 -6.02 -18.59
C THR A 828 -3.08 -6.03 -19.25
N GLY A 829 -2.08 -6.64 -18.63
CA GLY A 829 -0.74 -6.59 -19.20
C GLY A 829 -0.48 -7.55 -20.35
N THR A 830 0.61 -8.32 -20.26
CA THR A 830 0.96 -9.32 -21.28
C THR A 830 0.10 -10.57 -21.16
N ARG A 831 -0.65 -10.70 -20.06
CA ARG A 831 -1.60 -11.79 -19.91
C ARG A 831 -2.66 -11.78 -21.00
N LEU A 832 -3.08 -10.60 -21.47
CA LEU A 832 -4.03 -10.54 -22.59
C LEU A 832 -3.40 -11.02 -23.89
N ALA A 833 -2.10 -10.80 -24.08
CA ALA A 833 -1.43 -11.32 -25.27
C ALA A 833 -1.40 -12.84 -25.25
N LEU A 834 -1.10 -13.40 -24.08
CA LEU A 834 -1.06 -14.85 -23.96
C LEU A 834 -2.44 -15.47 -24.13
N ILE A 835 -3.48 -14.80 -23.63
CA ILE A 835 -4.80 -15.38 -23.77
C ILE A 835 -5.37 -15.18 -25.17
N ALA A 836 -4.99 -14.11 -25.88
CA ALA A 836 -5.37 -14.00 -27.28
C ALA A 836 -4.67 -15.07 -28.12
N GLN A 837 -3.41 -15.39 -27.78
CA GLN A 837 -2.71 -16.50 -28.42
C GLN A 837 -3.42 -17.83 -28.19
N ASN A 838 -3.84 -18.08 -26.95
CA ASN A 838 -4.47 -19.35 -26.63
C ASN A 838 -5.85 -19.49 -27.26
N ILE A 839 -6.59 -18.38 -27.36
CA ILE A 839 -7.90 -18.43 -28.00
C ILE A 839 -7.77 -18.63 -29.50
N ALA A 840 -6.73 -18.05 -30.12
CA ALA A 840 -6.46 -18.35 -31.53
C ALA A 840 -6.08 -19.80 -31.74
N ASN A 841 -5.37 -20.39 -30.78
CA ASN A 841 -5.01 -21.81 -30.81
C ASN A 841 -6.25 -22.69 -30.80
N LEU A 842 -7.16 -22.42 -29.84
CA LEU A 842 -8.39 -23.19 -29.72
C LEU A 842 -9.30 -23.00 -30.93
N GLY A 843 -9.27 -21.84 -31.57
CA GLY A 843 -10.08 -21.65 -32.76
C GLY A 843 -9.54 -22.40 -33.97
N THR A 844 -8.21 -22.39 -34.16
CA THR A 844 -7.64 -23.02 -35.34
C THR A 844 -7.77 -24.54 -35.27
N GLY A 845 -7.73 -25.11 -34.06
CA GLY A 845 -7.99 -26.54 -33.91
C GLY A 845 -9.36 -26.95 -34.42
N ILE A 846 -10.39 -26.17 -34.08
CA ILE A 846 -11.76 -26.45 -34.50
C ILE A 846 -11.93 -26.27 -36.00
N ILE A 847 -11.27 -25.26 -36.58
CA ILE A 847 -11.40 -25.01 -38.01
C ILE A 847 -10.78 -26.14 -38.83
N ILE A 848 -9.56 -26.56 -38.45
CA ILE A 848 -8.88 -27.67 -39.13
C ILE A 848 -9.67 -28.97 -38.97
N SER A 849 -10.25 -29.16 -37.79
CA SER A 849 -11.08 -30.33 -37.55
C SER A 849 -12.30 -30.35 -38.44
N PHE A 850 -12.98 -29.21 -38.63
CA PHE A 850 -14.13 -29.18 -39.52
C PHE A 850 -13.77 -29.46 -40.96
N ILE A 851 -12.60 -28.99 -41.39
CA ILE A 851 -12.21 -29.23 -42.78
C ILE A 851 -11.95 -30.73 -43.00
N TYR A 852 -11.25 -31.38 -42.07
CA TYR A 852 -10.87 -32.76 -42.36
C TYR A 852 -11.93 -33.77 -41.93
N GLY A 853 -12.54 -33.62 -40.76
CA GLY A 853 -13.72 -34.41 -40.49
C GLY A 853 -14.79 -33.69 -39.71
N TRP A 854 -15.97 -33.49 -40.28
CA TRP A 854 -16.94 -32.66 -39.58
C TRP A 854 -17.76 -33.45 -38.57
N GLN A 855 -17.73 -34.78 -38.62
CA GLN A 855 -18.56 -35.57 -37.72
C GLN A 855 -17.96 -35.63 -36.32
N LEU A 856 -16.64 -35.77 -36.22
CA LEU A 856 -15.97 -35.85 -34.92
C LEU A 856 -15.95 -34.50 -34.21
N THR A 857 -15.87 -33.43 -34.99
CA THR A 857 -15.71 -32.08 -34.47
C THR A 857 -16.92 -31.67 -33.65
N LEU A 858 -18.08 -32.21 -33.97
CA LEU A 858 -19.28 -31.94 -33.17
C LEU A 858 -19.16 -32.50 -31.76
N LEU A 859 -18.57 -33.69 -31.61
CA LEU A 859 -18.35 -34.21 -30.26
C LEU A 859 -17.27 -33.45 -29.55
N LEU A 860 -16.30 -32.96 -30.33
CA LEU A 860 -15.18 -32.15 -29.78
C LEU A 860 -15.80 -30.87 -29.19
N LEU A 861 -16.78 -30.31 -29.88
CA LEU A 861 -17.48 -29.11 -29.42
C LEU A 861 -18.61 -29.43 -28.45
N ALA A 862 -18.91 -30.70 -28.22
CA ALA A 862 -20.00 -31.05 -27.33
C ALA A 862 -19.67 -30.81 -25.86
N VAL A 863 -18.37 -30.69 -25.52
CA VAL A 863 -18.00 -30.46 -24.12
C VAL A 863 -18.21 -29.02 -23.70
N VAL A 864 -18.17 -28.09 -24.66
CA VAL A 864 -18.26 -26.63 -24.48
C VAL A 864 -19.38 -26.16 -23.55
N PRO A 865 -20.60 -26.73 -23.53
CA PRO A 865 -21.54 -26.37 -22.45
C PRO A 865 -21.05 -26.69 -21.05
N ILE A 866 -20.32 -27.78 -20.84
CA ILE A 866 -19.92 -28.14 -19.48
C ILE A 866 -18.78 -27.28 -18.98
N ILE A 867 -17.77 -27.06 -19.83
CA ILE A 867 -16.65 -26.18 -19.48
C ILE A 867 -17.13 -24.75 -19.34
N ALA A 868 -18.12 -24.34 -20.15
CA ALA A 868 -18.70 -23.02 -20.04
C ALA A 868 -19.44 -22.83 -18.72
N VAL A 869 -20.24 -23.82 -18.30
CA VAL A 869 -20.96 -23.72 -17.04
C VAL A 869 -20.01 -23.75 -15.84
N SER A 870 -18.92 -24.52 -15.94
CA SER A 870 -17.91 -24.50 -14.87
C SER A 870 -17.22 -23.14 -14.78
N GLY A 871 -16.94 -22.52 -15.92
CA GLY A 871 -16.40 -21.17 -15.90
C GLY A 871 -17.36 -20.14 -15.33
N ILE A 872 -18.66 -20.28 -15.64
CA ILE A 872 -19.69 -19.40 -15.08
C ILE A 872 -19.73 -19.51 -13.56
N VAL A 873 -19.69 -20.74 -13.05
CA VAL A 873 -19.79 -20.95 -11.60
C VAL A 873 -18.53 -20.47 -10.89
N GLU A 874 -17.35 -20.68 -11.49
CA GLU A 874 -16.16 -20.18 -10.79
C GLU A 874 -16.06 -18.67 -10.88
N MET A 875 -16.59 -18.03 -11.93
CA MET A 875 -16.59 -16.57 -11.94
C MET A 875 -17.55 -16.01 -10.90
N LYS A 876 -18.74 -16.61 -10.78
CA LYS A 876 -19.69 -16.18 -9.77
C LYS A 876 -19.23 -16.44 -8.35
N LEU A 877 -18.29 -17.36 -8.14
CA LEU A 877 -17.76 -17.55 -6.78
C LEU A 877 -16.50 -16.74 -6.50
N LEU A 878 -15.62 -16.56 -7.49
CA LEU A 878 -14.41 -15.77 -7.27
C LEU A 878 -14.72 -14.28 -7.20
N ALA A 879 -15.73 -13.81 -7.94
CA ALA A 879 -16.19 -12.44 -7.75
C ALA A 879 -16.87 -12.24 -6.39
N GLY A 880 -17.32 -13.32 -5.77
CA GLY A 880 -17.90 -13.22 -4.44
C GLY A 880 -16.88 -13.22 -3.33
N ASN A 881 -15.76 -13.93 -3.49
CA ASN A 881 -14.78 -13.88 -2.40
C ASN A 881 -13.73 -12.79 -2.55
N ALA A 882 -13.49 -12.29 -3.78
CA ALA A 882 -12.61 -11.13 -3.93
C ALA A 882 -13.19 -9.88 -3.28
N LYS A 883 -14.52 -9.82 -3.20
CA LYS A 883 -15.22 -8.76 -2.48
C LYS A 883 -14.83 -8.73 -1.01
N ARG A 884 -14.87 -9.88 -0.35
CA ARG A 884 -14.56 -9.93 1.07
C ARG A 884 -13.07 -9.76 1.34
N ASP A 885 -12.23 -10.24 0.42
CA ASP A 885 -10.79 -10.01 0.52
C ASP A 885 -10.46 -8.51 0.47
N LYS A 886 -11.03 -7.80 -0.50
CA LYS A 886 -10.83 -6.36 -0.60
C LYS A 886 -11.44 -5.61 0.58
N LYS A 887 -12.56 -6.10 1.12
CA LYS A 887 -13.15 -5.47 2.30
C LYS A 887 -12.28 -5.62 3.54
N GLU A 888 -11.55 -6.73 3.67
CA GLU A 888 -10.85 -6.97 4.92
C GLU A 888 -9.40 -6.51 4.90
N LEU A 889 -8.75 -6.46 3.72
CA LEU A 889 -7.39 -5.95 3.66
C LEU A 889 -7.31 -4.45 3.98
N GLU A 890 -8.37 -3.69 3.69
CA GLU A 890 -8.38 -2.28 4.06
C GLU A 890 -8.49 -2.10 5.57
N ALA A 891 -9.25 -2.97 6.24
CA ALA A 891 -9.35 -2.88 7.68
C ALA A 891 -8.07 -3.30 8.38
N ALA A 892 -7.28 -4.18 7.74
CA ALA A 892 -5.94 -4.43 8.27
C ALA A 892 -4.99 -3.26 8.01
N GLY A 893 -5.07 -2.67 6.82
CA GLY A 893 -4.18 -1.57 6.47
C GLY A 893 -4.44 -0.30 7.26
N LYS A 894 -5.68 -0.12 7.73
CA LYS A 894 -5.99 1.00 8.61
C LYS A 894 -5.21 0.91 9.92
N ILE A 895 -5.22 -0.27 10.54
CA ILE A 895 -4.49 -0.51 11.78
C ILE A 895 -2.99 -0.36 11.56
N ALA A 896 -2.50 -0.89 10.43
CA ALA A 896 -1.08 -0.80 10.13
C ALA A 896 -0.63 0.65 9.95
N THR A 897 -1.42 1.46 9.25
CA THR A 897 -1.01 2.84 9.01
C THR A 897 -1.09 3.69 10.27
N GLU A 898 -2.13 3.52 11.10
CA GLU A 898 -2.18 4.31 12.32
C GLU A 898 -1.11 3.90 13.32
N ALA A 899 -0.78 2.61 13.39
CA ALA A 899 0.26 2.17 14.32
C ALA A 899 1.65 2.54 13.83
N ILE A 900 1.85 2.68 12.52
CA ILE A 900 3.15 3.15 12.04
C ILE A 900 3.27 4.66 12.21
N GLU A 901 2.23 5.41 11.86
CA GLU A 901 2.35 6.85 11.88
C GLU A 901 2.18 7.48 13.25
N ASN A 902 1.74 6.73 14.26
CA ASN A 902 1.73 7.23 15.63
C ASN A 902 2.71 6.46 16.51
N ILE A 903 3.91 6.24 15.98
CA ILE A 903 4.83 5.28 16.59
C ILE A 903 5.39 5.80 17.91
N ARG A 904 5.46 7.12 18.09
CA ARG A 904 5.91 7.69 19.36
C ARG A 904 4.95 7.34 20.48
N THR A 905 3.65 7.51 20.24
CA THR A 905 2.64 7.20 21.24
C THR A 905 2.47 5.70 21.43
N VAL A 906 2.65 4.92 20.35
CA VAL A 906 2.60 3.46 20.45
C VAL A 906 3.72 2.95 21.35
N VAL A 907 4.94 3.42 21.11
CA VAL A 907 6.10 3.01 21.90
C VAL A 907 6.00 3.53 23.33
N SER A 908 5.50 4.75 23.52
CA SER A 908 5.41 5.32 24.86
C SER A 908 4.33 4.67 25.70
N LEU A 909 3.30 4.11 25.08
CA LEU A 909 2.25 3.42 25.83
C LEU A 909 2.44 1.90 25.89
N THR A 910 3.38 1.36 25.09
CA THR A 910 3.65 -0.08 24.98
C THR A 910 2.41 -0.88 24.58
N GLN A 911 1.67 -0.35 23.62
CA GLN A 911 0.53 -1.06 23.05
C GLN A 911 0.90 -1.72 21.72
N GLU A 912 2.18 -1.99 21.51
CA GLU A 912 2.60 -2.62 20.27
C GLU A 912 2.23 -4.09 20.19
N ARG A 913 2.19 -4.78 21.34
CA ARG A 913 1.69 -6.14 21.37
C ARG A 913 0.20 -6.19 21.06
N LYS A 914 -0.55 -5.20 21.57
CA LYS A 914 -1.97 -5.15 21.27
C LYS A 914 -2.24 -4.80 19.82
N PHE A 915 -1.40 -3.97 19.22
CA PHE A 915 -1.61 -3.63 17.81
C PHE A 915 -1.21 -4.78 16.90
N GLU A 916 -0.21 -5.57 17.26
CA GLU A 916 0.09 -6.78 16.50
C GLU A 916 -1.03 -7.80 16.63
N SER A 917 -1.62 -7.91 17.83
CA SER A 917 -2.76 -8.81 18.04
C SER A 917 -3.96 -8.41 17.20
N MET A 918 -4.25 -7.10 17.14
CA MET A 918 -5.36 -6.60 16.32
C MET A 918 -5.10 -6.83 14.84
N TYR A 919 -3.86 -6.65 14.40
CA TYR A 919 -3.53 -6.85 12.99
C TYR A 919 -3.68 -8.30 12.59
N VAL A 920 -3.29 -9.24 13.46
CA VAL A 920 -3.44 -10.66 13.16
C VAL A 920 -4.91 -11.06 13.15
N GLU A 921 -5.71 -10.58 14.10
CA GLU A 921 -7.11 -10.97 14.08
C GLU A 921 -7.93 -10.25 13.01
N LYS A 922 -7.40 -9.20 12.40
CA LYS A 922 -7.98 -8.70 11.16
C LYS A 922 -7.38 -9.35 9.92
N LEU A 923 -6.28 -10.07 10.07
CA LEU A 923 -5.61 -10.74 8.97
C LEU A 923 -6.07 -12.18 8.79
N TYR A 924 -6.83 -12.70 9.76
CA TYR A 924 -7.34 -14.07 9.70
C TYR A 924 -8.29 -14.31 8.51
N GLY A 925 -9.10 -13.33 8.16
CA GLY A 925 -10.13 -13.44 7.13
C GLY A 925 -9.71 -13.82 5.73
N PRO A 926 -8.80 -13.05 5.12
CA PRO A 926 -8.30 -13.43 3.78
C PRO A 926 -7.54 -14.75 3.72
N TYR A 927 -7.11 -15.31 4.85
CA TYR A 927 -6.62 -16.69 4.84
C TYR A 927 -7.73 -17.67 4.48
N ARG A 928 -8.89 -17.52 5.11
CA ARG A 928 -10.03 -18.39 4.79
C ARG A 928 -10.54 -18.15 3.39
N ASN A 929 -10.48 -16.90 2.93
CA ASN A 929 -10.83 -16.62 1.54
C ASN A 929 -9.86 -17.29 0.57
N SER A 930 -8.58 -17.37 0.93
CA SER A 930 -7.62 -18.08 0.08
C SER A 930 -7.83 -19.58 0.09
N VAL A 931 -8.27 -20.14 1.22
CA VAL A 931 -8.62 -21.56 1.30
C VAL A 931 -9.77 -21.90 0.34
N GLN A 932 -10.84 -21.10 0.40
CA GLN A 932 -11.99 -21.34 -0.47
C GLN A 932 -11.65 -21.09 -1.93
N LYS A 933 -10.79 -20.10 -2.20
CA LYS A 933 -10.32 -19.85 -3.56
C LYS A 933 -9.53 -21.02 -4.09
N ALA A 934 -8.72 -21.64 -3.24
CA ALA A 934 -7.94 -22.81 -3.62
C ALA A 934 -8.83 -23.96 -4.02
N HIS A 935 -9.85 -24.25 -3.21
CA HIS A 935 -10.72 -25.40 -3.53
C HIS A 935 -11.58 -25.14 -4.78
N ILE A 936 -12.15 -23.94 -4.90
CA ILE A 936 -12.99 -23.63 -6.07
C ILE A 936 -12.19 -23.68 -7.36
N TYR A 937 -11.06 -22.98 -7.38
CA TYR A 937 -10.26 -22.94 -8.59
C TYR A 937 -9.60 -24.28 -8.90
N GLY A 938 -9.29 -25.08 -7.87
CA GLY A 938 -8.75 -26.41 -8.12
C GLY A 938 -9.76 -27.35 -8.73
N ILE A 939 -11.01 -27.33 -8.22
CA ILE A 939 -12.08 -28.16 -8.80
C ILE A 939 -12.35 -27.77 -10.24
N THR A 940 -12.37 -26.47 -10.54
CA THR A 940 -12.69 -26.03 -11.90
C THR A 940 -11.58 -26.37 -12.90
N PHE A 941 -10.31 -26.13 -12.53
CA PHE A 941 -9.18 -26.54 -13.37
C PHE A 941 -9.15 -28.05 -13.56
N SER A 942 -9.49 -28.79 -12.51
CA SER A 942 -9.49 -30.25 -12.56
C SER A 942 -10.53 -30.79 -13.54
N ILE A 943 -11.77 -30.32 -13.44
CA ILE A 943 -12.79 -30.84 -14.33
C ILE A 943 -12.63 -30.33 -15.75
N SER A 944 -11.98 -29.18 -15.95
CA SER A 944 -11.65 -28.74 -17.30
C SER A 944 -10.63 -29.67 -17.95
N GLN A 945 -9.56 -30.03 -17.23
CA GLN A 945 -8.56 -30.92 -17.82
C GLN A 945 -9.09 -32.34 -18.01
N ALA A 946 -9.97 -32.80 -17.11
CA ALA A 946 -10.53 -34.13 -17.26
C ALA A 946 -11.50 -34.21 -18.44
N PHE A 947 -12.36 -33.20 -18.61
CA PHE A 947 -13.26 -33.23 -19.75
C PHE A 947 -12.57 -32.82 -21.04
N MET A 948 -11.33 -32.36 -20.99
CA MET A 948 -10.53 -32.29 -22.20
C MET A 948 -9.92 -33.65 -22.55
N TYR A 949 -9.54 -34.45 -21.55
CA TYR A 949 -8.97 -35.76 -21.89
C TYR A 949 -10.02 -36.83 -22.20
N PHE A 950 -11.27 -36.66 -21.76
CA PHE A 950 -12.32 -37.60 -22.16
C PHE A 950 -12.72 -37.44 -23.62
N SER A 951 -12.44 -36.27 -24.21
CA SER A 951 -12.75 -36.03 -25.61
C SER A 951 -11.94 -36.91 -26.53
N TYR A 952 -10.75 -37.35 -26.10
CA TYR A 952 -9.97 -38.25 -26.92
C TYR A 952 -10.60 -39.64 -26.98
N ALA A 953 -11.11 -40.11 -25.85
CA ALA A 953 -11.77 -41.41 -25.85
C ALA A 953 -13.05 -41.38 -26.67
N GLY A 954 -13.83 -40.30 -26.54
CA GLY A 954 -14.99 -40.12 -27.40
C GLY A 954 -14.63 -40.05 -28.87
N CYS A 955 -13.50 -39.40 -29.18
CA CYS A 955 -13.02 -39.29 -30.55
C CYS A 955 -12.60 -40.63 -31.12
N PHE A 956 -11.90 -41.46 -30.35
CA PHE A 956 -11.48 -42.75 -30.87
C PHE A 956 -12.66 -43.70 -31.05
N ARG A 957 -13.62 -43.71 -30.12
CA ARG A 957 -14.76 -44.59 -30.27
C ARG A 957 -15.64 -44.17 -31.45
N PHE A 958 -15.96 -42.88 -31.54
CA PHE A 958 -16.81 -42.42 -32.62
C PHE A 958 -16.10 -42.48 -33.96
N GLY A 959 -14.77 -42.29 -33.97
CA GLY A 959 -14.02 -42.45 -35.19
C GLY A 959 -13.92 -43.89 -35.64
N ALA A 960 -13.92 -44.84 -34.69
CA ALA A 960 -14.04 -46.24 -35.04
C ALA A 960 -15.36 -46.51 -35.74
N TYR A 961 -16.45 -45.96 -35.22
CA TYR A 961 -17.76 -46.10 -35.84
C TYR A 961 -17.76 -45.53 -37.25
N LEU A 962 -17.16 -44.35 -37.43
CA LEU A 962 -17.17 -43.69 -38.74
C LEU A 962 -16.27 -44.41 -39.74
N ILE A 963 -15.13 -44.94 -39.29
CA ILE A 963 -14.25 -45.68 -40.19
C ILE A 963 -14.88 -46.99 -40.63
N VAL A 964 -15.50 -47.72 -39.69
CA VAL A 964 -16.13 -48.99 -40.08
C VAL A 964 -17.44 -48.81 -40.83
N ASN A 965 -18.04 -47.61 -40.80
CA ASN A 965 -19.17 -47.35 -41.68
C ASN A 965 -18.80 -46.65 -42.97
N GLY A 966 -17.57 -46.16 -43.10
CA GLY A 966 -17.08 -45.67 -44.38
C GLY A 966 -17.24 -44.18 -44.63
N HIS A 967 -17.42 -43.38 -43.57
CA HIS A 967 -17.59 -41.94 -43.76
C HIS A 967 -16.24 -41.23 -43.92
N MET A 968 -15.39 -41.30 -42.91
CA MET A 968 -14.07 -40.68 -42.99
C MET A 968 -12.99 -41.75 -42.98
N ARG A 969 -11.74 -41.31 -42.88
CA ARG A 969 -10.61 -42.21 -43.00
C ARG A 969 -9.71 -42.11 -41.78
N PHE A 970 -8.77 -43.07 -41.71
CA PHE A 970 -7.94 -43.23 -40.52
C PHE A 970 -6.93 -42.10 -40.40
N ARG A 971 -6.38 -41.63 -41.52
CA ARG A 971 -5.46 -40.52 -41.44
C ARG A 971 -6.17 -39.22 -41.08
N ASP A 972 -7.45 -39.09 -41.41
CA ASP A 972 -8.21 -37.92 -40.97
C ASP A 972 -8.51 -37.98 -39.49
N VAL A 973 -8.73 -39.17 -38.95
CA VAL A 973 -8.89 -39.30 -37.50
C VAL A 973 -7.59 -38.95 -36.78
N ILE A 974 -6.46 -39.42 -37.30
CA ILE A 974 -5.14 -39.06 -36.76
C ILE A 974 -4.92 -37.55 -36.83
N LEU A 975 -5.32 -36.95 -37.95
CA LEU A 975 -5.16 -35.49 -38.19
C LEU A 975 -5.96 -34.66 -37.17
N VAL A 976 -7.20 -35.06 -36.90
CA VAL A 976 -8.03 -34.37 -35.91
C VAL A 976 -7.47 -34.54 -34.51
N PHE A 977 -7.07 -35.76 -34.13
CA PHE A 977 -6.45 -36.02 -32.82
C PHE A 977 -5.20 -35.17 -32.59
N SER A 978 -4.34 -35.09 -33.60
CA SER A 978 -3.13 -34.29 -33.52
C SER A 978 -3.47 -32.82 -33.35
N ALA A 979 -4.50 -32.33 -34.05
CA ALA A 979 -4.90 -30.93 -33.92
C ALA A 979 -5.49 -30.63 -32.55
N ILE A 980 -6.08 -31.64 -31.89
CA ILE A 980 -6.74 -31.41 -30.60
C ILE A 980 -5.76 -31.39 -29.43
N VAL A 981 -4.62 -32.08 -29.56
CA VAL A 981 -3.63 -32.13 -28.46
C VAL A 981 -3.12 -30.73 -28.10
N PHE A 982 -2.94 -29.85 -29.08
CA PHE A 982 -2.42 -28.53 -28.79
C PHE A 982 -3.45 -27.65 -28.08
N GLY A 983 -4.73 -27.84 -28.38
CA GLY A 983 -5.76 -27.17 -27.62
C GLY A 983 -5.83 -27.67 -26.19
N ALA A 984 -5.51 -28.95 -25.97
CA ALA A 984 -5.41 -29.46 -24.61
C ALA A 984 -4.26 -28.81 -23.86
N VAL A 985 -3.21 -28.39 -24.57
CA VAL A 985 -2.18 -27.58 -23.94
C VAL A 985 -2.73 -26.20 -23.55
N ALA A 986 -3.47 -25.56 -24.48
CA ALA A 986 -3.88 -24.16 -24.28
C ALA A 986 -4.93 -23.97 -23.19
N LEU A 987 -5.73 -25.00 -22.90
CA LEU A 987 -6.78 -24.86 -21.88
C LEU A 987 -6.24 -24.59 -20.48
N GLY A 988 -5.05 -25.11 -20.16
CA GLY A 988 -4.49 -24.88 -18.83
C GLY A 988 -4.16 -23.42 -18.58
N HIS A 989 -3.68 -22.72 -19.60
CA HIS A 989 -3.36 -21.31 -19.44
C HIS A 989 -4.59 -20.44 -19.51
N ALA A 990 -5.62 -20.84 -20.27
CA ALA A 990 -6.88 -20.10 -20.20
C ALA A 990 -7.52 -20.19 -18.81
N SER A 991 -7.51 -21.38 -18.22
CA SER A 991 -8.01 -21.53 -16.87
C SER A 991 -7.14 -20.82 -15.84
N SER A 992 -5.84 -20.68 -16.12
CA SER A 992 -4.99 -19.92 -15.20
C SER A 992 -5.28 -18.43 -15.27
N PHE A 993 -5.69 -17.92 -16.44
CA PHE A 993 -6.08 -16.51 -16.52
C PHE A 993 -7.37 -16.23 -15.79
N ALA A 994 -8.31 -17.18 -15.82
CA ALA A 994 -9.64 -16.94 -15.28
C ALA A 994 -9.78 -16.42 -13.84
N PRO A 995 -8.92 -16.72 -12.85
CA PRO A 995 -9.13 -16.11 -11.53
C PRO A 995 -8.62 -14.68 -11.37
N ASP A 996 -7.94 -14.11 -12.36
CA ASP A 996 -7.51 -12.71 -12.31
C ASP A 996 -8.59 -11.75 -12.78
N TYR A 997 -9.44 -12.21 -13.70
CA TYR A 997 -10.45 -11.37 -14.30
C TYR A 997 -11.50 -10.94 -13.29
N ALA A 998 -11.75 -11.74 -12.26
CA ALA A 998 -12.76 -11.40 -11.26
C ALA A 998 -12.33 -10.20 -10.42
N LYS A 999 -11.10 -10.23 -9.92
CA LYS A 999 -10.62 -9.10 -9.13
C LYS A 999 -10.32 -7.89 -10.00
N ALA A 1000 -9.98 -8.09 -11.28
CA ALA A 1000 -9.88 -6.96 -12.20
C ALA A 1000 -11.24 -6.27 -12.38
N LYS A 1001 -12.31 -7.05 -12.53
CA LYS A 1001 -13.65 -6.48 -12.66
C LYS A 1001 -14.09 -5.74 -11.41
N LEU A 1002 -13.79 -6.30 -10.23
CA LEU A 1002 -14.19 -5.66 -8.98
C LEU A 1002 -13.45 -4.34 -8.75
N SER A 1003 -12.13 -4.35 -8.91
CA SER A 1003 -11.36 -3.12 -8.71
C SER A 1003 -11.68 -2.08 -9.77
N ALA A 1004 -12.06 -2.51 -10.98
CA ALA A 1004 -12.47 -1.55 -12.01
C ALA A 1004 -13.81 -0.90 -11.67
N ALA A 1005 -14.75 -1.66 -11.10
CA ALA A 1005 -16.00 -1.07 -10.62
C ALA A 1005 -15.75 -0.05 -9.51
N HIS A 1006 -14.80 -0.34 -8.61
CA HIS A 1006 -14.49 0.63 -7.56
C HIS A 1006 -13.78 1.88 -8.10
N LEU A 1007 -12.87 1.71 -9.07
CA LEU A 1007 -12.24 2.86 -9.70
C LEU A 1007 -13.23 3.75 -10.42
N PHE A 1008 -14.21 3.15 -11.10
CA PHE A 1008 -15.16 4.01 -11.80
C PHE A 1008 -16.20 4.63 -10.86
N MET A 1009 -16.53 4.01 -9.73
CA MET A 1009 -17.40 4.74 -8.81
C MET A 1009 -16.65 5.89 -8.14
N LEU A 1010 -15.32 5.74 -7.96
CA LEU A 1010 -14.52 6.86 -7.49
C LEU A 1010 -14.43 7.98 -8.54
N PHE A 1011 -14.30 7.61 -9.82
CA PHE A 1011 -14.18 8.62 -10.87
C PHE A 1011 -15.49 9.36 -11.08
N GLU A 1012 -16.61 8.69 -10.87
CA GLU A 1012 -17.92 9.27 -11.13
C GLU A 1012 -18.58 9.86 -9.90
N ARG A 1013 -17.98 9.70 -8.72
CA ARG A 1013 -18.44 10.45 -7.56
C ARG A 1013 -18.18 11.94 -7.75
N GLN A 1014 -19.16 12.78 -7.45
CA GLN A 1014 -19.04 14.22 -7.59
C GLN A 1014 -19.41 14.91 -6.28
N PRO A 1015 -18.53 15.73 -5.73
CA PRO A 1015 -18.79 16.33 -4.41
C PRO A 1015 -19.66 17.58 -4.52
N LEU A 1016 -20.00 18.11 -3.35
CA LEU A 1016 -20.83 19.32 -3.27
C LEU A 1016 -19.99 20.59 -3.36
N ILE A 1017 -18.94 20.69 -2.54
CA ILE A 1017 -17.96 21.78 -2.64
C ILE A 1017 -16.85 21.25 -3.54
N ASP A 1018 -16.89 21.63 -4.81
CA ASP A 1018 -16.00 21.04 -5.81
C ASP A 1018 -14.74 21.88 -5.91
N SER A 1019 -13.60 21.28 -5.58
CA SER A 1019 -12.35 22.02 -5.50
C SER A 1019 -11.71 22.28 -6.85
N TYR A 1020 -12.15 21.61 -7.92
CA TYR A 1020 -11.57 21.81 -9.23
C TYR A 1020 -12.48 22.58 -10.18
N SER A 1021 -13.53 23.19 -9.66
CA SER A 1021 -14.47 23.93 -10.50
C SER A 1021 -13.89 25.26 -10.92
N GLU A 1022 -14.24 25.70 -12.13
CA GLU A 1022 -13.76 26.96 -12.68
C GLU A 1022 -14.84 28.02 -12.77
N GLU A 1023 -16.06 27.74 -12.33
CA GLU A 1023 -17.14 28.71 -12.41
C GLU A 1023 -17.52 29.21 -11.02
N GLY A 1024 -18.09 30.40 -11.00
CA GLY A 1024 -18.31 31.17 -9.80
C GLY A 1024 -17.74 32.57 -9.93
N LEU A 1025 -18.18 33.43 -9.02
CA LEU A 1025 -17.78 34.83 -9.06
C LEU A 1025 -16.35 34.98 -8.58
N LYS A 1026 -15.54 35.72 -9.33
CA LYS A 1026 -14.13 35.95 -9.02
C LYS A 1026 -13.86 37.45 -9.07
N PRO A 1027 -14.24 38.19 -8.01
CA PRO A 1027 -14.16 39.65 -8.08
C PRO A 1027 -12.72 40.16 -8.04
N ASP A 1028 -12.51 41.27 -8.75
CA ASP A 1028 -11.16 41.78 -8.98
C ASP A 1028 -10.59 42.44 -7.73
N LYS A 1029 -11.39 43.21 -7.03
CA LYS A 1029 -10.97 43.89 -5.81
C LYS A 1029 -11.71 43.26 -4.62
N PHE A 1030 -11.00 43.07 -3.52
CA PHE A 1030 -11.62 42.47 -2.35
C PHE A 1030 -11.42 43.35 -1.13
N GLU A 1031 -12.53 43.77 -0.55
CA GLU A 1031 -12.61 44.45 0.73
C GLU A 1031 -12.83 43.39 1.79
N GLY A 1032 -11.97 43.35 2.81
CA GLY A 1032 -12.05 42.28 3.78
C GLY A 1032 -13.20 42.39 4.75
N ASN A 1033 -14.43 42.28 4.26
CA ASN A 1033 -15.63 42.37 5.08
C ASN A 1033 -16.30 41.02 5.10
N ILE A 1034 -16.63 40.51 6.29
CA ILE A 1034 -17.35 39.25 6.42
C ILE A 1034 -18.58 39.48 7.28
N THR A 1035 -19.58 38.60 7.15
CA THR A 1035 -20.83 38.74 7.90
C THR A 1035 -21.48 37.37 8.04
N PHE A 1036 -21.97 37.04 9.23
CA PHE A 1036 -22.75 35.84 9.48
C PHE A 1036 -24.17 36.22 9.84
N ASN A 1037 -25.14 35.71 9.08
CA ASN A 1037 -26.55 35.97 9.33
C ASN A 1037 -27.24 34.69 9.81
N GLU A 1038 -27.19 34.47 11.12
CA GLU A 1038 -27.88 33.38 11.83
C GLU A 1038 -27.51 32.01 11.27
N VAL A 1039 -26.23 31.66 11.41
CA VAL A 1039 -25.70 30.43 10.84
C VAL A 1039 -25.98 29.28 11.80
N VAL A 1040 -26.65 28.24 11.31
CA VAL A 1040 -26.92 27.04 12.08
C VAL A 1040 -26.18 25.89 11.39
N PHE A 1041 -25.42 25.13 12.16
CA PHE A 1041 -24.57 24.10 11.58
C PHE A 1041 -24.44 22.92 12.52
N ASN A 1042 -24.53 21.71 11.96
CA ASN A 1042 -24.28 20.46 12.66
C ASN A 1042 -23.31 19.63 11.85
N TYR A 1043 -22.45 18.94 12.52
CA TYR A 1043 -21.48 18.12 11.81
C TYR A 1043 -22.12 16.84 11.28
N PRO A 1044 -21.74 16.41 10.08
CA PRO A 1044 -22.41 15.24 9.48
C PRO A 1044 -22.12 13.93 10.17
N THR A 1045 -21.00 13.82 10.88
CA THR A 1045 -20.73 12.58 11.60
C THR A 1045 -21.54 12.49 12.87
N ARG A 1046 -21.67 13.60 13.59
CA ARG A 1046 -22.54 13.67 14.76
C ARG A 1046 -23.54 14.77 14.45
N ALA A 1047 -24.56 14.43 13.68
CA ALA A 1047 -25.54 15.38 13.18
C ALA A 1047 -26.73 15.57 14.11
N ASN A 1048 -26.70 15.01 15.31
CA ASN A 1048 -27.77 15.26 16.26
C ASN A 1048 -27.47 16.36 17.27
N VAL A 1049 -26.20 16.71 17.45
CA VAL A 1049 -25.82 17.71 18.44
C VAL A 1049 -25.73 19.09 17.80
N PRO A 1050 -26.26 20.13 18.44
CA PRO A 1050 -26.13 21.49 17.88
C PRO A 1050 -24.81 22.12 18.28
N VAL A 1051 -24.03 22.53 17.28
CA VAL A 1051 -22.76 23.21 17.53
C VAL A 1051 -23.00 24.71 17.50
N LEU A 1052 -23.52 25.22 16.38
CA LEU A 1052 -23.94 26.60 16.25
C LEU A 1052 -25.46 26.67 16.20
N GLN A 1053 -26.03 27.68 16.84
CA GLN A 1053 -27.48 27.82 16.97
C GLN A 1053 -27.92 29.22 16.54
N GLY A 1054 -27.42 29.66 15.39
CA GLY A 1054 -27.74 31.00 14.93
C GLY A 1054 -26.67 31.97 15.35
N LEU A 1055 -25.79 32.35 14.43
CA LEU A 1055 -24.55 33.02 14.78
C LEU A 1055 -24.50 34.35 14.03
N SER A 1056 -24.41 35.44 14.76
CA SER A 1056 -24.38 36.78 14.16
C SER A 1056 -23.10 37.47 14.56
N LEU A 1057 -22.24 37.72 13.58
CA LEU A 1057 -21.02 38.48 13.79
C LEU A 1057 -20.63 39.15 12.48
N GLU A 1058 -20.24 40.42 12.56
CA GLU A 1058 -19.83 41.20 11.40
C GLU A 1058 -18.50 41.87 11.70
N VAL A 1059 -17.55 41.75 10.78
CA VAL A 1059 -16.22 42.31 10.91
C VAL A 1059 -15.96 43.24 9.74
N LYS A 1060 -15.59 44.48 10.03
CA LYS A 1060 -15.33 45.46 8.99
C LYS A 1060 -13.91 45.31 8.48
N LYS A 1061 -13.47 46.22 7.59
CA LYS A 1061 -12.08 46.24 7.17
C LYS A 1061 -11.19 46.78 8.27
N GLY A 1062 -10.08 46.10 8.53
CA GLY A 1062 -9.10 46.58 9.47
C GLY A 1062 -9.41 46.27 10.92
N GLN A 1063 -10.56 45.68 11.22
CA GLN A 1063 -10.87 45.35 12.59
C GLN A 1063 -10.22 44.03 12.99
N THR A 1064 -10.42 43.66 14.25
CA THR A 1064 -9.83 42.45 14.83
C THR A 1064 -10.88 41.80 15.70
N LEU A 1065 -11.39 40.66 15.26
CA LEU A 1065 -12.43 39.94 15.98
C LEU A 1065 -11.78 38.98 16.96
N ALA A 1066 -12.16 39.06 18.23
CA ALA A 1066 -11.65 38.17 19.25
C ALA A 1066 -12.75 37.22 19.67
N LEU A 1067 -12.51 35.93 19.52
CA LEU A 1067 -13.46 34.90 19.92
C LEU A 1067 -13.09 34.39 21.31
N VAL A 1068 -13.99 34.58 22.27
CA VAL A 1068 -13.81 34.18 23.65
C VAL A 1068 -14.91 33.19 23.99
N GLY A 1069 -14.57 32.11 24.68
CA GLY A 1069 -15.57 31.15 25.09
C GLY A 1069 -14.94 30.04 25.87
N SER A 1070 -15.76 29.06 26.25
CA SER A 1070 -15.27 27.90 26.98
C SER A 1070 -14.74 26.88 25.98
N SER A 1071 -14.38 25.69 26.45
CA SER A 1071 -13.76 24.70 25.59
C SER A 1071 -14.83 23.88 24.91
N GLY A 1072 -14.92 24.00 23.59
CA GLY A 1072 -15.93 23.29 22.84
C GLY A 1072 -17.16 24.13 22.57
N CYS A 1073 -16.95 25.37 22.16
CA CYS A 1073 -18.05 26.29 21.86
C CYS A 1073 -18.23 26.58 20.39
N GLY A 1074 -17.30 26.18 19.53
CA GLY A 1074 -17.46 26.40 18.12
C GLY A 1074 -16.55 27.48 17.58
N LYS A 1075 -15.37 27.63 18.19
CA LYS A 1075 -14.44 28.65 17.74
C LYS A 1075 -13.70 28.22 16.48
N SER A 1076 -13.35 26.96 16.36
CA SER A 1076 -12.72 26.49 15.14
C SER A 1076 -13.73 26.12 14.06
N THR A 1077 -15.00 25.99 14.41
CA THR A 1077 -16.02 25.76 13.40
C THR A 1077 -16.19 26.97 12.51
N VAL A 1078 -16.02 28.18 13.05
CA VAL A 1078 -16.20 29.36 12.22
C VAL A 1078 -15.01 29.52 11.28
N VAL A 1079 -13.85 29.00 11.68
CA VAL A 1079 -12.69 29.00 10.79
C VAL A 1079 -12.90 28.00 9.66
N GLN A 1080 -13.49 26.85 9.98
CA GLN A 1080 -13.80 25.87 8.93
C GLN A 1080 -14.90 26.36 7.99
N LEU A 1081 -15.91 27.07 8.52
CA LEU A 1081 -16.95 27.63 7.67
C LEU A 1081 -16.43 28.76 6.77
N LEU A 1082 -15.53 29.59 7.29
CA LEU A 1082 -14.94 30.62 6.43
C LEU A 1082 -13.97 30.02 5.43
N GLU A 1083 -13.31 28.91 5.78
CA GLU A 1083 -12.40 28.27 4.85
C GLU A 1083 -13.16 27.44 3.82
N ARG A 1084 -14.47 27.24 4.05
CA ARG A 1084 -15.39 26.60 3.11
C ARG A 1084 -14.99 25.14 2.91
N PHE A 1085 -15.01 24.41 4.02
CA PHE A 1085 -15.00 22.96 3.99
C PHE A 1085 -16.41 22.40 4.06
N TYR A 1086 -17.31 23.16 4.66
CA TYR A 1086 -18.61 22.68 5.10
C TYR A 1086 -19.69 23.68 4.72
N ASP A 1087 -20.88 23.17 4.48
CA ASP A 1087 -21.98 24.09 4.20
C ASP A 1087 -22.86 24.24 5.41
N PRO A 1088 -23.31 25.45 5.73
CA PRO A 1088 -24.23 25.61 6.86
C PRO A 1088 -25.62 25.11 6.52
N LEU A 1089 -26.33 24.68 7.55
CA LEU A 1089 -27.64 24.07 7.35
C LEU A 1089 -28.69 25.12 7.02
N ALA A 1090 -28.76 26.18 7.80
CA ALA A 1090 -29.73 27.24 7.56
C ALA A 1090 -29.09 28.56 8.01
N GLY A 1091 -28.44 29.24 7.08
CA GLY A 1091 -27.75 30.47 7.40
C GLY A 1091 -26.92 30.90 6.22
N THR A 1092 -26.40 32.13 6.32
CA THR A 1092 -25.71 32.76 5.22
C THR A 1092 -24.32 33.21 5.65
N VAL A 1093 -23.30 32.69 4.98
CA VAL A 1093 -21.93 33.18 5.10
C VAL A 1093 -21.67 34.06 3.89
N LEU A 1094 -21.57 35.36 4.10
CA LEU A 1094 -21.41 36.30 3.00
C LEU A 1094 -20.21 37.19 3.24
N LEU A 1095 -19.46 37.44 2.19
CA LEU A 1095 -18.20 38.17 2.27
C LEU A 1095 -18.27 39.33 1.30
N ASP A 1096 -18.12 40.55 1.84
CA ASP A 1096 -18.18 41.80 1.09
C ASP A 1096 -19.52 41.95 0.37
N GLY A 1097 -20.59 41.55 1.05
CA GLY A 1097 -21.94 41.65 0.52
C GLY A 1097 -22.46 40.43 -0.23
N GLN A 1098 -21.62 39.79 -1.02
CA GLN A 1098 -22.03 38.64 -1.81
C GLN A 1098 -21.76 37.35 -1.06
N GLU A 1099 -22.64 36.37 -1.26
CA GLU A 1099 -22.62 35.14 -0.49
C GLU A 1099 -21.46 34.26 -0.92
N ALA A 1100 -20.90 33.52 0.04
CA ALA A 1100 -19.70 32.73 -0.21
C ALA A 1100 -19.97 31.47 -1.02
N LYS A 1101 -21.22 31.05 -1.16
CA LYS A 1101 -21.52 29.94 -2.05
C LYS A 1101 -21.40 30.34 -3.51
N LYS A 1102 -21.55 31.62 -3.83
CA LYS A 1102 -21.48 32.07 -5.21
C LYS A 1102 -20.05 32.26 -5.70
N LEU A 1103 -19.10 32.38 -4.78
CA LEU A 1103 -17.72 32.66 -5.13
C LEU A 1103 -16.99 31.38 -5.55
N ASN A 1104 -15.94 31.57 -6.35
CA ASN A 1104 -15.11 30.43 -6.74
C ASN A 1104 -14.31 29.98 -5.52
N VAL A 1105 -14.27 28.68 -5.29
CA VAL A 1105 -13.75 28.20 -4.01
C VAL A 1105 -12.23 28.25 -3.98
N GLN A 1106 -11.55 28.11 -5.11
CA GLN A 1106 -10.10 28.26 -5.13
C GLN A 1106 -9.68 29.71 -4.92
N TRP A 1107 -10.41 30.65 -5.54
CA TRP A 1107 -10.22 32.08 -5.27
C TRP A 1107 -10.47 32.40 -3.80
N LEU A 1108 -11.53 31.81 -3.23
CA LEU A 1108 -11.89 32.06 -1.85
C LEU A 1108 -10.82 31.58 -0.88
N ARG A 1109 -10.36 30.34 -1.06
CA ARG A 1109 -9.33 29.79 -0.20
C ARG A 1109 -7.98 30.46 -0.43
N ALA A 1110 -7.76 31.05 -1.61
CA ALA A 1110 -6.54 31.81 -1.83
C ALA A 1110 -6.55 33.17 -1.18
N GLN A 1111 -7.73 33.73 -0.91
CA GLN A 1111 -7.77 35.02 -0.23
C GLN A 1111 -7.67 34.93 1.29
N LEU A 1112 -7.52 33.74 1.87
CA LEU A 1112 -7.54 33.57 3.31
C LEU A 1112 -6.15 33.17 3.80
N GLY A 1113 -5.86 33.50 5.06
CA GLY A 1113 -4.61 33.10 5.67
C GLY A 1113 -4.84 32.46 7.02
N ILE A 1114 -4.49 31.19 7.17
CA ILE A 1114 -4.97 30.36 8.26
C ILE A 1114 -3.80 29.75 9.03
N VAL A 1115 -3.92 29.77 10.35
CA VAL A 1115 -3.04 29.04 11.26
C VAL A 1115 -3.90 28.09 12.06
N SER A 1116 -3.64 26.79 11.95
CA SER A 1116 -4.47 25.79 12.59
C SER A 1116 -4.19 25.74 14.09
N GLN A 1117 -4.98 24.93 14.80
CA GLN A 1117 -4.88 24.93 16.25
C GLN A 1117 -3.66 24.15 16.72
N GLU A 1118 -3.44 22.96 16.17
CA GLU A 1118 -2.22 22.19 16.37
C GLU A 1118 -1.62 21.97 14.99
N PRO A 1119 -0.77 22.87 14.53
CA PRO A 1119 -0.37 22.87 13.12
C PRO A 1119 0.62 21.77 12.80
N ILE A 1120 0.56 21.31 11.55
CA ILE A 1120 1.41 20.23 11.09
C ILE A 1120 2.04 20.62 9.76
N LEU A 1121 3.17 20.03 9.47
CA LEU A 1121 4.04 20.39 8.37
C LEU A 1121 4.17 19.18 7.44
N PHE A 1122 5.08 19.26 6.49
CA PHE A 1122 5.32 18.20 5.54
C PHE A 1122 6.77 17.74 5.66
N ASP A 1123 7.07 16.57 5.09
CA ASP A 1123 8.39 15.98 5.19
C ASP A 1123 9.28 16.50 4.05
N CYS A 1124 9.55 17.80 4.12
CA CYS A 1124 10.38 18.48 3.14
C CYS A 1124 11.23 19.49 3.90
N SER A 1125 11.87 20.39 3.17
CA SER A 1125 12.74 21.37 3.78
C SER A 1125 11.94 22.53 4.36
N ILE A 1126 12.60 23.35 5.17
CA ILE A 1126 11.94 24.51 5.76
C ILE A 1126 11.63 25.55 4.69
N ALA A 1127 12.47 25.65 3.66
CA ALA A 1127 12.20 26.57 2.56
C ALA A 1127 10.95 26.17 1.79
N GLU A 1128 10.76 24.87 1.56
CA GLU A 1128 9.56 24.42 0.85
C GLU A 1128 8.33 24.47 1.74
N ASN A 1129 8.48 24.22 3.05
CA ASN A 1129 7.33 24.36 3.94
C ASN A 1129 6.91 25.82 4.10
N ILE A 1130 7.83 26.77 3.97
CA ILE A 1130 7.42 28.17 4.00
C ILE A 1130 6.88 28.61 2.65
N ALA A 1131 7.45 28.11 1.55
CA ALA A 1131 6.98 28.46 0.22
C ALA A 1131 5.69 27.76 -0.16
N TYR A 1132 5.22 26.80 0.64
CA TYR A 1132 3.92 26.19 0.42
C TYR A 1132 2.76 27.13 0.77
N GLY A 1133 3.04 28.24 1.45
CA GLY A 1133 1.99 29.16 1.86
C GLY A 1133 1.30 29.87 0.74
N ASP A 1134 1.97 30.07 -0.39
CA ASP A 1134 1.33 30.66 -1.57
C ASP A 1134 1.78 29.89 -2.79
N ASN A 1135 0.83 29.16 -3.39
CA ASN A 1135 1.08 28.38 -4.58
C ASN A 1135 0.87 29.25 -5.82
N SER A 1136 0.86 28.61 -7.00
CA SER A 1136 0.63 29.20 -8.32
C SER A 1136 1.69 30.21 -8.74
N ARG A 1137 2.79 30.35 -7.99
CA ARG A 1137 3.89 31.23 -8.32
C ARG A 1137 5.13 30.76 -7.58
N VAL A 1138 6.28 30.95 -8.21
CA VAL A 1138 7.57 30.55 -7.65
C VAL A 1138 7.94 31.59 -6.61
N VAL A 1139 7.75 31.26 -5.34
CA VAL A 1139 8.03 32.21 -4.26
C VAL A 1139 9.54 32.32 -4.08
N SER A 1140 10.03 33.54 -4.03
CA SER A 1140 11.47 33.75 -4.04
C SER A 1140 12.08 33.58 -2.65
N GLN A 1141 13.40 33.32 -2.66
CA GLN A 1141 14.14 33.10 -1.43
C GLN A 1141 14.19 34.35 -0.56
N ASP A 1142 14.13 35.54 -1.18
CA ASP A 1142 14.09 36.77 -0.40
C ASP A 1142 12.76 36.91 0.33
N GLU A 1143 11.66 36.51 -0.30
CA GLU A 1143 10.36 36.52 0.38
C GLU A 1143 10.33 35.50 1.51
N ILE A 1144 10.97 34.35 1.30
CA ILE A 1144 11.04 33.32 2.34
C ILE A 1144 11.82 33.82 3.54
N VAL A 1145 12.96 34.48 3.31
CA VAL A 1145 13.78 35.02 4.39
C VAL A 1145 13.05 36.16 5.11
N SER A 1146 12.30 36.98 4.37
CA SER A 1146 11.58 38.08 5.00
C SER A 1146 10.44 37.57 5.89
N ALA A 1147 9.70 36.55 5.42
CA ALA A 1147 8.66 35.96 6.26
C ALA A 1147 9.24 35.25 7.46
N ALA A 1148 10.43 34.65 7.31
CA ALA A 1148 11.11 34.01 8.44
C ALA A 1148 11.55 35.03 9.47
N LYS A 1149 12.07 36.18 9.03
CA LYS A 1149 12.43 37.25 9.95
C LYS A 1149 11.21 37.84 10.64
N ALA A 1150 10.08 37.94 9.94
CA ALA A 1150 8.87 38.45 10.56
C ALA A 1150 8.29 37.47 11.57
N ALA A 1151 8.45 36.17 11.32
CA ALA A 1151 7.94 35.16 12.23
C ALA A 1151 8.92 34.78 13.32
N ASN A 1152 10.16 35.31 13.30
CA ASN A 1152 11.19 35.16 14.34
C ASN A 1152 11.73 33.72 14.38
N ILE A 1153 12.05 33.20 13.20
CA ILE A 1153 12.72 31.89 13.14
C ILE A 1153 14.11 31.98 12.52
N HIS A 1154 14.43 33.05 11.79
CA HIS A 1154 15.71 33.15 11.08
C HIS A 1154 16.99 33.07 11.93
N PRO A 1155 17.04 33.47 13.21
CA PRO A 1155 18.23 33.09 14.00
C PRO A 1155 18.43 31.59 14.17
N PHE A 1156 17.37 30.83 14.45
CA PHE A 1156 17.51 29.38 14.52
C PHE A 1156 17.85 28.77 13.17
N ILE A 1157 17.22 29.27 12.11
CA ILE A 1157 17.46 28.76 10.77
C ILE A 1157 18.89 29.04 10.33
N GLU A 1158 19.42 30.20 10.74
CA GLU A 1158 20.80 30.52 10.44
C GLU A 1158 21.77 29.72 11.32
N THR A 1159 21.31 29.29 12.49
CA THR A 1159 22.15 28.49 13.38
C THR A 1159 22.32 27.07 12.86
N LEU A 1160 21.27 26.51 12.23
CA LEU A 1160 21.32 25.14 11.74
C LEU A 1160 22.40 24.96 10.66
N PRO A 1161 23.03 23.76 10.54
CA PRO A 1161 24.10 23.57 9.55
C PRO A 1161 23.66 23.68 8.10
N HIS A 1162 22.57 23.01 7.74
CA HIS A 1162 21.83 23.35 6.53
C HIS A 1162 20.87 24.47 6.93
N LYS A 1163 20.87 25.57 6.21
CA LYS A 1163 20.08 26.70 6.71
C LYS A 1163 18.59 26.48 6.42
N TYR A 1164 18.20 26.56 5.16
CA TYR A 1164 16.80 26.37 4.79
C TYR A 1164 16.58 25.03 4.11
N GLU A 1165 17.48 24.07 4.32
CA GLU A 1165 17.34 22.77 3.71
C GLU A 1165 17.43 21.63 4.72
N THR A 1166 17.30 21.92 6.01
CA THR A 1166 17.08 20.84 6.98
C THR A 1166 15.71 20.26 6.77
N ARG A 1167 15.66 18.98 6.45
CA ARG A 1167 14.38 18.31 6.25
C ARG A 1167 13.70 18.13 7.59
N VAL A 1168 12.57 18.82 7.75
CA VAL A 1168 11.65 18.55 8.84
C VAL A 1168 11.12 17.13 8.67
N GLY A 1169 10.88 16.42 9.77
CA GLY A 1169 10.40 15.07 9.67
C GLY A 1169 8.94 14.99 9.28
N ASP A 1170 8.39 13.78 9.44
CA ASP A 1170 6.98 13.51 9.13
C ASP A 1170 6.09 14.28 10.09
N LYS A 1171 5.30 15.21 9.54
CA LYS A 1171 4.34 16.04 10.27
C LYS A 1171 4.98 16.94 11.32
N GLY A 1172 6.25 17.27 11.15
CA GLY A 1172 6.92 18.20 12.02
C GLY A 1172 7.54 17.62 13.26
N THR A 1173 7.87 16.34 13.27
CA THR A 1173 8.39 15.72 14.47
C THR A 1173 9.88 15.91 14.65
N GLN A 1174 10.60 16.39 13.64
CA GLN A 1174 12.00 16.72 13.79
C GLN A 1174 12.21 18.21 14.03
N LEU A 1175 11.26 18.83 14.71
CA LEU A 1175 11.39 20.18 15.27
C LEU A 1175 10.66 20.17 16.60
N SER A 1176 10.72 21.27 17.32
CA SER A 1176 10.02 21.36 18.58
C SER A 1176 8.62 21.93 18.37
N GLY A 1177 7.93 22.23 19.47
CA GLY A 1177 6.60 22.80 19.36
C GLY A 1177 6.62 24.25 18.91
N GLY A 1178 7.49 25.05 19.52
CA GLY A 1178 7.54 26.47 19.18
C GLY A 1178 8.08 26.73 17.78
N GLN A 1179 9.03 25.90 17.34
CA GLN A 1179 9.61 26.09 16.01
C GLN A 1179 8.62 25.76 14.90
N LYS A 1180 7.78 24.74 15.08
CA LYS A 1180 6.81 24.47 14.05
C LYS A 1180 5.58 25.36 14.15
N GLN A 1181 5.25 25.87 15.34
CA GLN A 1181 4.27 26.94 15.46
C GLN A 1181 4.73 28.16 14.66
N ARG A 1182 6.04 28.40 14.70
CA ARG A 1182 6.60 29.61 14.14
C ARG A 1182 6.74 29.50 12.62
N ILE A 1183 7.03 28.28 12.13
CA ILE A 1183 7.01 28.04 10.68
C ILE A 1183 5.57 28.03 10.13
N ALA A 1184 4.58 27.63 10.94
CA ALA A 1184 3.20 27.76 10.50
C ALA A 1184 2.78 29.22 10.39
N ILE A 1185 3.23 30.06 11.31
CA ILE A 1185 2.96 31.51 11.22
C ILE A 1185 3.63 32.12 10.00
N ALA A 1186 4.87 31.72 9.71
CA ALA A 1186 5.54 32.21 8.50
C ALA A 1186 4.85 31.74 7.22
N ARG A 1187 4.33 30.52 7.24
CA ARG A 1187 3.60 29.98 6.08
C ARG A 1187 2.30 30.72 5.86
N ALA A 1188 1.65 31.18 6.93
CA ALA A 1188 0.49 32.04 6.76
C ALA A 1188 0.88 33.40 6.20
N LEU A 1189 1.91 34.02 6.79
CA LEU A 1189 2.26 35.39 6.45
C LEU A 1189 2.97 35.57 5.12
N ILE A 1190 3.39 34.49 4.46
CA ILE A 1190 4.12 34.71 3.21
C ILE A 1190 3.19 35.07 2.05
N ARG A 1191 1.92 34.67 2.10
CA ARG A 1191 1.05 34.96 0.97
C ARG A 1191 0.52 36.38 0.94
N GLN A 1192 0.79 37.17 1.99
CA GLN A 1192 0.20 38.48 2.27
C GLN A 1192 -1.32 38.39 2.13
N PRO A 1193 -2.01 37.74 3.07
CA PRO A 1193 -3.44 37.50 2.90
C PRO A 1193 -4.23 38.76 3.13
N GLN A 1194 -5.52 38.67 2.82
CA GLN A 1194 -6.42 39.78 3.11
C GLN A 1194 -7.09 39.62 4.47
N ILE A 1195 -7.15 38.41 4.99
CA ILE A 1195 -7.76 38.15 6.29
C ILE A 1195 -7.00 37.02 6.98
N LEU A 1196 -6.62 37.26 8.23
CA LEU A 1196 -5.86 36.30 9.02
C LEU A 1196 -6.77 35.52 9.94
N LEU A 1197 -6.64 34.21 9.91
CA LEU A 1197 -7.35 33.31 10.81
C LEU A 1197 -6.27 32.69 11.70
N LEU A 1198 -6.21 33.12 12.94
CA LEU A 1198 -5.17 32.71 13.88
C LEU A 1198 -5.84 31.97 15.02
N ASP A 1199 -5.79 30.64 14.98
CA ASP A 1199 -6.49 29.79 15.95
C ASP A 1199 -5.47 29.28 16.96
N GLN A 1200 -5.30 30.05 18.04
CA GLN A 1200 -4.25 29.88 19.05
C GLN A 1200 -2.88 29.76 18.39
N ALA A 1201 -2.50 30.85 17.74
CA ALA A 1201 -1.29 30.87 16.94
C ALA A 1201 -0.03 30.99 17.78
N THR A 1202 -0.15 31.44 19.03
CA THR A 1202 0.99 31.54 19.94
C THR A 1202 0.60 30.79 21.21
N SER A 1203 0.72 29.47 21.18
CA SER A 1203 0.41 28.65 22.35
C SER A 1203 1.54 27.74 22.77
N ALA A 1204 2.54 27.52 21.92
CA ALA A 1204 3.73 26.77 22.29
C ALA A 1204 4.95 27.67 22.28
N LEU A 1205 4.76 28.98 22.37
CA LEU A 1205 5.84 29.95 22.41
C LEU A 1205 5.91 30.57 23.79
N ASP A 1206 7.12 30.94 24.20
CA ASP A 1206 7.27 31.62 25.48
C ASP A 1206 7.00 33.11 25.30
N THR A 1207 7.22 33.89 26.37
CA THR A 1207 6.84 35.30 26.38
C THR A 1207 7.70 36.13 25.43
N GLU A 1208 9.00 35.84 25.36
CA GLU A 1208 9.90 36.60 24.49
C GLU A 1208 9.57 36.38 23.03
N SER A 1209 9.43 35.11 22.62
CA SER A 1209 9.10 34.80 21.23
C SER A 1209 7.72 35.30 20.87
N GLU A 1210 6.77 35.25 21.81
CA GLU A 1210 5.42 35.69 21.51
C GLU A 1210 5.36 37.22 21.37
N LYS A 1211 6.11 37.95 22.20
CA LYS A 1211 6.14 39.39 22.07
C LYS A 1211 6.93 39.86 20.86
N VAL A 1212 7.88 39.06 20.35
CA VAL A 1212 8.52 39.48 19.11
C VAL A 1212 7.63 39.16 17.90
N VAL A 1213 6.91 38.03 17.94
CA VAL A 1213 5.99 37.67 16.86
C VAL A 1213 4.82 38.66 16.79
N GLN A 1214 4.30 39.07 17.95
CA GLN A 1214 3.12 39.92 18.01
C GLN A 1214 3.39 41.32 17.47
N GLU A 1215 4.62 41.80 17.59
CA GLU A 1215 4.97 43.12 17.06
C GLU A 1215 4.96 43.12 15.53
N ALA A 1216 5.50 42.06 14.91
CA ALA A 1216 5.48 41.98 13.46
C ALA A 1216 4.08 41.71 12.93
N LEU A 1217 3.28 40.94 13.67
CA LEU A 1217 1.87 40.79 13.32
C LEU A 1217 1.12 42.11 13.42
N ASP A 1218 1.45 42.93 14.43
CA ASP A 1218 0.76 44.20 14.60
C ASP A 1218 1.15 45.20 13.52
N LYS A 1219 2.41 45.18 13.10
CA LYS A 1219 2.77 46.06 11.99
C LYS A 1219 2.35 45.51 10.63
N ALA A 1220 1.99 44.23 10.55
CA ALA A 1220 1.45 43.70 9.30
C ALA A 1220 -0.06 43.83 9.19
N ARG A 1221 -0.79 43.85 10.31
CA ARG A 1221 -2.24 44.02 10.34
C ARG A 1221 -2.71 45.42 9.98
N GLU A 1222 -1.82 46.36 9.73
CA GLU A 1222 -2.22 47.71 9.34
C GLU A 1222 -2.74 47.67 7.91
N GLY A 1223 -4.07 47.71 7.77
CA GLY A 1223 -4.69 47.75 6.45
C GLY A 1223 -5.43 46.49 6.04
N ARG A 1224 -5.54 45.49 6.91
CA ARG A 1224 -6.33 44.31 6.61
C ARG A 1224 -7.00 43.83 7.89
N THR A 1225 -7.95 42.92 7.72
CA THR A 1225 -8.70 42.37 8.84
C THR A 1225 -8.08 41.07 9.32
N CYS A 1226 -8.49 40.66 10.52
CA CYS A 1226 -7.97 39.45 11.15
C CYS A 1226 -8.93 38.99 12.22
N ILE A 1227 -8.94 37.68 12.46
CA ILE A 1227 -9.80 37.06 13.45
C ILE A 1227 -8.92 36.26 14.39
N VAL A 1228 -9.00 36.55 15.69
CA VAL A 1228 -8.07 36.02 16.67
C VAL A 1228 -8.81 35.14 17.64
N ILE A 1229 -8.35 33.90 17.79
CA ILE A 1229 -8.84 32.97 18.80
C ILE A 1229 -7.64 32.63 19.66
N ALA A 1230 -7.40 33.38 20.72
CA ALA A 1230 -6.21 33.19 21.54
C ALA A 1230 -6.58 33.30 23.00
N HIS A 1231 -6.01 32.44 23.84
CA HIS A 1231 -6.32 32.47 25.27
C HIS A 1231 -5.28 33.31 26.01
N ARG A 1232 -5.37 34.62 25.81
CA ARG A 1232 -4.50 35.58 26.47
C ARG A 1232 -5.31 36.82 26.85
N LEU A 1233 -4.86 37.52 27.89
CA LEU A 1233 -5.42 38.81 28.25
C LEU A 1233 -4.68 39.96 27.57
N SER A 1234 -3.62 39.68 26.84
CA SER A 1234 -2.83 40.72 26.20
C SER A 1234 -3.24 40.92 24.74
N THR A 1235 -3.67 39.85 24.08
CA THR A 1235 -4.09 39.93 22.69
C THR A 1235 -5.60 40.10 22.53
N ILE A 1236 -6.38 39.70 23.53
CA ILE A 1236 -7.82 39.94 23.46
C ILE A 1236 -8.15 41.39 23.83
N GLN A 1237 -7.41 41.98 24.77
CA GLN A 1237 -7.77 43.30 25.30
C GLN A 1237 -7.56 44.40 24.27
N ASN A 1238 -6.56 44.28 23.41
CA ASN A 1238 -6.32 45.28 22.37
C ASN A 1238 -7.04 44.94 21.06
N ALA A 1239 -8.03 44.06 21.08
CA ALA A 1239 -8.81 43.75 19.90
C ALA A 1239 -9.99 44.71 19.78
N ASP A 1240 -10.49 44.82 18.55
CA ASP A 1240 -11.53 45.81 18.27
C ASP A 1240 -12.92 45.29 18.61
N LEU A 1241 -13.16 44.00 18.40
CA LEU A 1241 -14.42 43.35 18.76
C LEU A 1241 -14.14 42.15 19.65
N ILE A 1242 -15.06 41.90 20.58
CA ILE A 1242 -14.97 40.77 21.50
C ILE A 1242 -16.30 40.03 21.48
N VAL A 1243 -16.25 38.74 21.16
CA VAL A 1243 -17.45 37.92 21.00
C VAL A 1243 -17.38 36.76 21.99
N VAL A 1244 -18.41 36.64 22.82
CA VAL A 1244 -18.48 35.60 23.85
C VAL A 1244 -19.51 34.57 23.41
N PHE A 1245 -19.08 33.31 23.34
CA PHE A 1245 -19.96 32.21 22.96
C PHE A 1245 -20.65 31.62 24.17
N GLN A 1246 -21.95 31.40 24.06
CA GLN A 1246 -22.69 30.59 25.03
C GLN A 1246 -23.83 29.91 24.30
N ASN A 1247 -23.88 28.57 24.42
CA ASN A 1247 -24.81 27.70 23.71
C ASN A 1247 -24.70 27.86 22.19
N GLY A 1248 -23.50 28.10 21.69
CA GLY A 1248 -23.29 28.23 20.26
C GLY A 1248 -23.76 29.53 19.64
N ARG A 1249 -24.09 30.53 20.44
CA ARG A 1249 -24.57 31.82 19.97
C ARG A 1249 -23.57 32.90 20.36
N VAL A 1250 -23.90 34.15 20.06
CA VAL A 1250 -23.05 35.30 20.34
C VAL A 1250 -23.69 36.11 21.46
N LYS A 1251 -22.90 36.43 22.48
CA LYS A 1251 -23.35 37.32 23.55
C LYS A 1251 -22.32 38.41 23.80
#